data_7R6V
#
_entry.id   7R6V
#
_cell.length_a   73.749
_cell.length_b   79.085
_cell.length_c   79.635
_cell.angle_alpha   69.050
_cell.angle_beta   65.020
_cell.angle_gamma   89.720
#
_symmetry.space_group_name_H-M   'P 1'
#
loop_
_entity.id
_entity.type
_entity.pdbx_description
1 polymer 'Nuclease EXOG, mitochondrial'
2 polymer "DNA (5'-D(*CP*TP*GP*AP*CP*GP*TP*GP*CP*G)-3')"
3 polymer "DNA (5'-D(*CP*GP*CP*AP*CP*GP*TP*CP*AP*GP*AP*A)-3')"
4 non-polymer 'MAGNESIUM ION'
5 non-polymer 'SULFATE ION'
6 water water
#
loop_
_entity_poly.entity_id
_entity_poly.type
_entity_poly.pdbx_seq_one_letter_code
_entity_poly.pdbx_strand_id
1 'polypeptide(L)'
;EKAVLEQFGFPLTGTEARCYTNHALSYDQAKRVPRWVLEHISKSKIMGDADRKHCKFKPDPNIPPTFSAFNEDYVGSGWS
RGHMAPAGNNKFSSKAMAETFYLSNIVPQDFDNNSGYWNRIEMYCRELTERFEDVWVVSGPLTLPQTRGDGKKIVSYQVI
GEDNVAVPSHLYKVILARRSSVSTEPLALGAFVVPNEAIGFQPQLTEFQVSLQDLEKLSGLVFFPHLDRTSDIRNICSVD
TCKLLDFQEFTLYLSTRKIEGARSVLRLEKIMENLKNAEIEPDDYFMSRYEKKLEELKAKEQSGTQIRKPS
;
D,E,G,I
2 'polydeoxyribonucleotide' (DC)(DT)(DG)(DA)(DC)(DG)(DT)(DG)(DC)(DG) F,H,J,K
3 'polydeoxyribonucleotide' (DC)(DG)(DC)(DA)(DC)(DG)(DT)(DC)(DA)(DG)(DA)(DA) B,A,L,M
#
loop_
_chem_comp.id
_chem_comp.type
_chem_comp.name
_chem_comp.formula
DA DNA linking 2'-DEOXYADENOSINE-5'-MONOPHOSPHATE 'C10 H14 N5 O6 P'
DC DNA linking 2'-DEOXYCYTIDINE-5'-MONOPHOSPHATE 'C9 H14 N3 O7 P'
DG DNA linking 2'-DEOXYGUANOSINE-5'-MONOPHOSPHATE 'C10 H14 N5 O7 P'
DT DNA linking THYMIDINE-5'-MONOPHOSPHATE 'C10 H15 N2 O8 P'
MG non-polymer 'MAGNESIUM ION' 'Mg 2'
SO4 non-polymer 'SULFATE ION' 'O4 S -2'
#
# COMPACT_ATOMS: atom_id res chain seq x y z
N ALA A 3 -43.15 25.19 0.23
CA ALA A 3 -42.75 25.81 -1.02
C ALA A 3 -41.39 26.50 -0.90
N VAL A 4 -40.57 26.05 0.04
CA VAL A 4 -39.25 26.63 0.27
C VAL A 4 -38.22 25.52 0.21
N LEU A 5 -37.26 25.65 -0.70
CA LEU A 5 -36.22 24.63 -0.88
C LEU A 5 -35.33 24.52 0.35
N GLU A 6 -35.01 25.65 0.98
CA GLU A 6 -34.16 25.69 2.16
C GLU A 6 -34.97 25.56 3.46
N GLN A 7 -36.16 24.96 3.38
CA GLN A 7 -37.06 24.89 4.52
C GLN A 7 -36.37 24.35 5.76
N PHE A 8 -35.68 23.22 5.64
CA PHE A 8 -34.99 22.59 6.76
C PHE A 8 -33.49 22.82 6.71
N GLY A 9 -33.04 23.78 5.91
CA GLY A 9 -31.63 24.14 5.83
C GLY A 9 -30.89 23.34 4.78
N PHE A 10 -29.84 23.95 4.24
CA PHE A 10 -28.92 23.28 3.34
C PHE A 10 -28.03 22.32 4.11
N PRO A 11 -27.63 21.20 3.51
CA PRO A 11 -26.69 20.30 4.19
C PRO A 11 -25.41 21.05 4.50
N LEU A 12 -24.84 20.75 5.67
CA LEU A 12 -23.62 21.41 6.13
C LEU A 12 -22.43 20.54 5.78
N THR A 13 -21.41 21.16 5.18
CA THR A 13 -20.21 20.43 4.82
C THR A 13 -19.06 20.66 5.79
N GLY A 14 -19.16 21.65 6.68
CA GLY A 14 -18.18 21.82 7.75
C GLY A 14 -16.83 22.38 7.34
N THR A 15 -16.76 23.12 6.23
CA THR A 15 -15.49 23.54 5.66
C THR A 15 -15.07 24.95 6.07
N GLU A 16 -15.83 25.62 6.93
CA GLU A 16 -15.50 26.98 7.33
C GLU A 16 -14.11 27.05 7.97
N ALA A 17 -13.43 28.17 7.76
CA ALA A 17 -12.08 28.33 8.26
C ALA A 17 -12.08 28.46 9.79
N ARG A 18 -11.17 27.75 10.44
CA ARG A 18 -11.06 27.73 11.89
C ARG A 18 -9.75 28.38 12.29
N CYS A 19 -9.82 29.39 13.17
CA CYS A 19 -8.67 30.19 13.55
C CYS A 19 -8.17 29.76 14.92
N TYR A 20 -6.87 29.61 15.04
CA TYR A 20 -6.20 29.30 16.29
C TYR A 20 -5.14 30.37 16.55
N THR A 21 -4.29 30.14 17.54
CA THR A 21 -3.37 31.19 17.99
C THR A 21 -2.41 31.62 16.88
N ASN A 22 -1.82 30.64 16.16
CA ASN A 22 -0.86 30.97 15.12
C ASN A 22 -1.08 30.16 13.84
N HIS A 23 -2.25 29.53 13.70
CA HIS A 23 -2.57 28.89 12.44
C HIS A 23 -4.08 28.85 12.27
N ALA A 24 -4.50 28.62 11.04
CA ALA A 24 -5.89 28.43 10.67
C ALA A 24 -5.98 27.24 9.72
N LEU A 25 -7.14 26.60 9.71
CA LEU A 25 -7.32 25.40 8.90
C LEU A 25 -8.79 25.27 8.51
N SER A 26 -9.01 24.56 7.40
CA SER A 26 -10.31 24.05 7.00
C SER A 26 -10.30 22.53 7.15
N TYR A 27 -11.33 21.99 7.80
CA TYR A 27 -11.37 20.59 8.14
C TYR A 27 -12.24 19.83 7.12
N ASP A 28 -11.80 18.61 6.77
CA ASP A 28 -12.54 17.71 5.88
C ASP A 28 -13.19 16.65 6.77
N GLN A 29 -14.49 16.80 7.02
CA GLN A 29 -15.21 15.91 7.91
C GLN A 29 -15.35 14.49 7.36
N ALA A 30 -15.29 14.33 6.04
CA ALA A 30 -15.36 12.99 5.46
C ALA A 30 -14.04 12.24 5.58
N LYS A 31 -12.91 12.92 5.42
CA LYS A 31 -11.62 12.27 5.48
C LYS A 31 -10.97 12.30 6.86
N ARG A 32 -11.50 13.14 7.78
CA ARG A 32 -10.96 13.27 9.13
C ARG A 32 -9.57 13.89 9.14
N VAL A 33 -9.29 14.77 8.18
CA VAL A 33 -8.02 15.47 8.07
C VAL A 33 -8.31 16.91 7.66
N PRO A 34 -7.36 17.81 7.88
CA PRO A 34 -7.51 19.16 7.33
C PRO A 34 -7.43 19.14 5.81
N ARG A 35 -8.08 20.12 5.18
CA ARG A 35 -7.91 20.36 3.74
C ARG A 35 -6.72 21.28 3.47
N TRP A 36 -6.60 22.35 4.25
CA TRP A 36 -5.43 23.20 4.21
C TRP A 36 -5.17 23.71 5.62
N VAL A 37 -3.91 24.00 5.90
CA VAL A 37 -3.51 24.65 7.15
C VAL A 37 -2.64 25.85 6.79
N LEU A 38 -3.11 27.03 7.15
CA LEU A 38 -2.41 28.29 6.88
C LEU A 38 -1.64 28.71 8.13
N GLU A 39 -0.38 29.09 7.93
CA GLU A 39 0.43 29.55 9.04
C GLU A 39 1.33 30.70 8.59
N HIS A 40 1.72 31.53 9.57
CA HIS A 40 2.66 32.62 9.34
C HIS A 40 3.79 32.51 10.35
N ILE A 41 5.02 32.70 9.89
CA ILE A 41 6.17 32.65 10.78
C ILE A 41 7.05 33.87 10.55
N SER A 42 7.77 34.23 11.60
CA SER A 42 8.79 35.27 11.55
C SER A 42 9.88 34.87 12.52
N LYS A 43 10.92 35.71 12.60
CA LYS A 43 12.08 35.42 13.45
C LYS A 43 11.67 35.24 14.90
N SER A 44 10.86 36.16 15.42
CA SER A 44 10.46 36.09 16.83
C SER A 44 9.57 34.89 17.12
N LYS A 45 8.77 34.45 16.15
CA LYS A 45 7.86 33.34 16.41
C LYS A 45 8.58 32.03 16.64
N ILE A 46 9.72 31.83 15.97
CA ILE A 46 10.44 30.56 16.08
C ILE A 46 11.46 30.64 17.22
N MET A 47 11.41 31.74 17.98
CA MET A 47 12.21 31.91 19.20
C MET A 47 11.27 31.86 20.41
N GLY A 48 11.67 31.11 21.42
CA GLY A 48 10.89 31.02 22.64
C GLY A 48 11.19 29.75 23.39
N ASP A 49 10.49 29.60 24.53
CA ASP A 49 10.74 28.49 25.45
C ASP A 49 9.70 27.39 25.38
N ALA A 50 8.72 27.48 24.48
CA ALA A 50 7.66 26.47 24.44
C ALA A 50 8.23 25.10 24.07
N ASP A 51 7.87 24.09 24.86
CA ASP A 51 8.44 22.76 24.76
C ASP A 51 7.35 21.76 24.37
N ARG A 52 7.60 21.00 23.31
CA ARG A 52 6.61 20.03 22.85
C ARG A 52 6.55 18.79 23.74
N LYS A 53 7.54 18.60 24.61
CA LYS A 53 7.47 17.51 25.60
C LYS A 53 6.30 17.69 26.54
N HIS A 54 5.79 18.91 26.70
CA HIS A 54 4.62 19.20 27.50
C HIS A 54 3.34 19.24 26.68
N CYS A 55 3.32 18.57 25.53
CA CYS A 55 2.16 18.57 24.66
C CYS A 55 1.69 17.14 24.39
N LYS A 56 0.40 17.00 24.09
CA LYS A 56 -0.20 15.71 23.77
C LYS A 56 -1.06 15.86 22.53
N PHE A 57 -1.01 14.85 21.66
CA PHE A 57 -1.99 14.77 20.60
C PHE A 57 -3.37 14.51 21.20
N LYS A 58 -4.38 15.19 20.69
CA LYS A 58 -5.73 15.01 21.21
C LYS A 58 -6.71 15.53 20.17
N PRO A 59 -7.94 15.02 20.17
CA PRO A 59 -8.92 15.55 19.22
C PRO A 59 -9.14 17.04 19.46
N ASP A 60 -9.35 17.77 18.38
CA ASP A 60 -9.69 19.17 18.49
C ASP A 60 -11.06 19.28 19.16
N PRO A 61 -11.17 19.89 20.34
CA PRO A 61 -12.46 19.95 21.04
C PRO A 61 -13.52 20.77 20.31
N ASN A 62 -13.15 21.51 19.26
CA ASN A 62 -14.09 22.28 18.47
C ASN A 62 -14.61 21.52 17.26
N ILE A 63 -14.10 20.33 16.98
CA ILE A 63 -14.57 19.51 15.88
C ILE A 63 -15.66 18.59 16.42
N PRO A 64 -16.81 18.50 15.77
CA PRO A 64 -17.86 17.56 16.21
C PRO A 64 -17.29 16.15 16.31
N PRO A 65 -17.47 15.49 17.45
CA PRO A 65 -16.86 14.16 17.64
C PRO A 65 -17.24 13.14 16.59
N THR A 66 -18.38 13.31 15.91
CA THR A 66 -18.76 12.41 14.83
C THR A 66 -17.74 12.43 13.70
N PHE A 67 -17.14 13.59 13.43
CA PHE A 67 -16.22 13.76 12.32
C PHE A 67 -14.78 13.94 12.78
N SER A 68 -14.50 13.68 14.05
CA SER A 68 -13.16 13.86 14.58
C SER A 68 -12.34 12.60 14.41
N ALA A 69 -11.05 12.78 14.15
CA ALA A 69 -10.11 11.69 14.34
C ALA A 69 -9.86 11.50 15.83
N PHE A 70 -9.36 10.31 16.17
CA PHE A 70 -8.94 10.02 17.54
C PHE A 70 -7.58 9.33 17.49
N ASN A 71 -6.88 9.37 18.62
CA ASN A 71 -5.55 8.78 18.70
C ASN A 71 -5.56 7.29 18.43
N GLU A 72 -6.68 6.62 18.68
CA GLU A 72 -6.80 5.19 18.40
C GLU A 72 -6.78 4.88 16.91
N ASP A 73 -7.14 5.85 16.07
CA ASP A 73 -7.02 5.66 14.63
C ASP A 73 -5.56 5.62 14.19
N TYR A 74 -4.69 6.35 14.89
CA TYR A 74 -3.30 6.51 14.47
C TYR A 74 -2.36 5.48 15.09
N VAL A 75 -2.53 5.16 16.36
CA VAL A 75 -1.54 4.40 17.10
C VAL A 75 -1.59 2.93 16.68
N GLY A 76 -0.45 2.43 16.20
CA GLY A 76 -0.37 1.07 15.69
C GLY A 76 -0.80 0.90 14.25
N SER A 77 -1.16 1.98 13.56
CA SER A 77 -1.61 1.89 12.18
C SER A 77 -0.47 1.70 11.18
N GLY A 78 0.78 1.91 11.59
CA GLY A 78 1.88 2.01 10.66
C GLY A 78 2.11 3.39 10.11
N TRP A 79 1.25 4.35 10.43
CA TRP A 79 1.39 5.74 10.02
C TRP A 79 1.57 6.60 11.26
N SER A 80 2.31 7.70 11.11
CA SER A 80 2.51 8.61 12.21
C SER A 80 1.53 9.77 12.13
N ARG A 81 1.36 10.45 13.26
CA ARG A 81 0.62 11.70 13.31
C ARG A 81 1.52 12.82 12.76
N GLY A 82 1.17 13.34 11.58
CA GLY A 82 1.94 14.40 10.96
C GLY A 82 1.28 15.77 11.04
N HIS A 83 1.91 16.70 11.74
CA HIS A 83 1.35 18.04 11.87
C HIS A 83 1.58 18.82 10.58
N MET A 84 0.53 19.54 10.15
CA MET A 84 0.70 20.40 8.98
C MET A 84 1.28 21.75 9.38
N ALA A 85 0.81 22.31 10.48
CA ALA A 85 1.49 23.42 11.13
C ALA A 85 2.42 22.82 12.17
N PRO A 86 3.74 22.93 12.01
CA PRO A 86 4.66 22.25 12.92
C PRO A 86 4.78 22.96 14.25
N ALA A 87 5.08 22.16 15.28
CA ALA A 87 5.35 22.73 16.60
C ALA A 87 6.56 23.66 16.57
N GLY A 88 7.53 23.40 15.69
CA GLY A 88 8.75 24.21 15.64
C GLY A 88 8.52 25.64 15.24
N ASN A 89 7.38 25.94 14.61
CA ASN A 89 7.04 27.30 14.23
C ASN A 89 6.37 28.08 15.36
N ASN A 90 6.27 27.49 16.55
CA ASN A 90 5.49 28.08 17.63
C ASN A 90 6.26 28.07 18.95
N LYS A 91 7.57 28.26 18.90
CA LYS A 91 8.35 28.32 20.13
C LYS A 91 7.96 29.51 21.00
N PHE A 92 7.35 30.54 20.41
CA PHE A 92 7.03 31.78 21.10
C PHE A 92 5.80 31.66 22.01
N SER A 93 4.99 30.61 21.87
CA SER A 93 3.71 30.55 22.58
C SER A 93 3.36 29.09 22.87
N SER A 94 3.31 28.74 24.16
CA SER A 94 2.91 27.39 24.56
C SER A 94 1.48 27.09 24.16
N LYS A 95 0.61 28.11 24.16
CA LYS A 95 -0.76 27.91 23.75
C LYS A 95 -0.86 27.66 22.25
N ALA A 96 -0.07 28.40 21.46
CA ALA A 96 -0.05 28.18 20.02
C ALA A 96 0.44 26.77 19.69
N MET A 97 1.55 26.35 20.31
CA MET A 97 2.10 25.03 20.03
C MET A 97 1.14 23.92 20.41
N ALA A 98 0.46 24.07 21.55
CA ALA A 98 -0.46 23.02 22.00
C ALA A 98 -1.59 22.79 21.01
N GLU A 99 -2.05 23.85 20.33
CA GLU A 99 -3.13 23.70 19.36
C GLU A 99 -2.68 23.01 18.08
N THR A 100 -1.38 23.04 17.77
CA THR A 100 -0.88 22.27 16.63
C THR A 100 -0.87 20.77 16.90
N PHE A 101 -1.06 20.36 18.15
CA PHE A 101 -1.22 18.96 18.48
C PHE A 101 -2.68 18.50 18.44
N TYR A 102 -3.61 19.42 18.17
CA TYR A 102 -4.99 19.02 17.88
C TYR A 102 -5.02 18.17 16.62
N LEU A 103 -5.82 17.11 16.63
CA LEU A 103 -5.87 16.22 15.48
C LEU A 103 -6.46 16.89 14.25
N SER A 104 -7.06 18.07 14.39
CA SER A 104 -7.50 18.82 13.23
C SER A 104 -6.32 19.30 12.40
N ASN A 105 -5.11 19.32 12.98
CA ASN A 105 -3.89 19.73 12.32
C ASN A 105 -3.06 18.55 11.82
N ILE A 106 -3.56 17.33 11.96
CA ILE A 106 -2.75 16.12 11.80
C ILE A 106 -3.25 15.32 10.61
N VAL A 107 -2.33 14.77 9.83
CA VAL A 107 -2.67 13.79 8.79
C VAL A 107 -1.83 12.55 9.02
N PRO A 108 -2.29 11.39 8.54
CA PRO A 108 -1.45 10.19 8.60
C PRO A 108 -0.25 10.35 7.66
N GLN A 109 0.94 10.35 8.23
CA GLN A 109 2.15 10.64 7.47
C GLN A 109 3.16 9.53 7.67
N ASP A 110 3.81 9.14 6.58
CA ASP A 110 4.89 8.15 6.64
C ASP A 110 5.92 8.55 7.68
N PHE A 111 6.33 7.60 8.51
CA PHE A 111 7.22 7.89 9.62
C PHE A 111 8.53 8.52 9.14
N ASP A 112 9.19 7.90 8.15
CA ASP A 112 10.44 8.42 7.66
C ASP A 112 10.28 9.80 7.02
N ASN A 113 9.21 9.97 6.22
CA ASN A 113 8.95 11.28 5.61
C ASN A 113 8.73 12.34 6.69
N ASN A 114 7.93 12.01 7.70
CA ASN A 114 7.70 12.87 8.87
C ASN A 114 9.00 13.40 9.44
N SER A 115 9.86 12.48 9.88
CA SER A 115 11.09 12.83 10.59
C SER A 115 12.22 13.25 9.66
N GLY A 116 12.09 13.04 8.34
CA GLY A 116 13.18 13.29 7.43
C GLY A 116 12.92 14.42 6.46
N TYR A 117 12.47 14.07 5.25
CA TYR A 117 12.42 15.07 4.19
C TYR A 117 11.46 16.22 4.52
N TRP A 118 10.26 15.89 5.03
CA TRP A 118 9.30 16.93 5.37
C TRP A 118 9.80 17.78 6.52
N ASN A 119 10.43 17.15 7.51
CA ASN A 119 11.07 17.91 8.58
C ASN A 119 12.10 18.89 8.03
N ARG A 120 12.87 18.48 7.03
CA ARG A 120 13.86 19.38 6.46
C ARG A 120 13.22 20.51 5.66
N ILE A 121 12.06 20.26 5.02
CA ILE A 121 11.34 21.34 4.37
C ILE A 121 10.84 22.35 5.41
N GLU A 122 10.34 21.84 6.54
CA GLU A 122 9.93 22.74 7.62
C GLU A 122 11.12 23.54 8.15
N MET A 123 12.31 22.94 8.16
CA MET A 123 13.50 23.68 8.59
C MET A 123 13.84 24.78 7.61
N TYR A 124 13.65 24.54 6.31
CA TYR A 124 13.94 25.56 5.31
C TYR A 124 12.98 26.74 5.41
N CYS A 125 11.71 26.46 5.73
CA CYS A 125 10.74 27.54 5.92
C CYS A 125 11.14 28.46 7.06
N ARG A 126 11.68 27.89 8.14
CA ARG A 126 12.14 28.73 9.24
C ARG A 126 13.47 29.41 8.92
N GLU A 127 14.31 28.76 8.11
CA GLU A 127 15.51 29.41 7.64
C GLU A 127 15.19 30.65 6.81
N LEU A 128 14.06 30.63 6.10
CA LEU A 128 13.66 31.77 5.28
C LEU A 128 13.41 33.02 6.12
N THR A 129 13.09 32.87 7.40
CA THR A 129 12.91 34.04 8.26
C THR A 129 14.22 34.78 8.52
N GLU A 130 15.37 34.17 8.25
CA GLU A 130 16.64 34.88 8.34
C GLU A 130 16.82 35.86 7.19
N ARG A 131 16.15 35.64 6.06
CA ARG A 131 16.29 36.46 4.88
C ARG A 131 15.02 37.21 4.50
N PHE A 132 13.86 36.76 4.96
CA PHE A 132 12.58 37.45 4.75
C PHE A 132 11.98 37.74 6.12
N GLU A 133 11.33 38.89 6.24
CA GLU A 133 10.72 39.24 7.52
C GLU A 133 9.45 38.44 7.78
N ASP A 134 8.66 38.17 6.76
CA ASP A 134 7.37 37.49 6.91
C ASP A 134 7.27 36.34 5.92
N VAL A 135 6.87 35.16 6.41
CA VAL A 135 6.69 33.99 5.57
C VAL A 135 5.32 33.39 5.87
N TRP A 136 4.54 33.12 4.82
CA TRP A 136 3.28 32.39 4.92
C TRP A 136 3.42 31.01 4.28
N VAL A 137 2.83 30.01 4.93
CA VAL A 137 2.89 28.63 4.45
C VAL A 137 1.50 28.02 4.51
N VAL A 138 1.09 27.37 3.42
CA VAL A 138 -0.12 26.55 3.39
C VAL A 138 0.31 25.12 3.13
N SER A 139 -0.07 24.21 4.02
CA SER A 139 0.23 22.80 3.88
C SER A 139 -1.05 21.99 3.92
N GLY A 140 -1.02 20.80 3.31
CA GLY A 140 -2.17 19.94 3.33
C GLY A 140 -1.93 18.61 2.63
N PRO A 141 -2.91 17.71 2.73
CA PRO A 141 -2.82 16.40 2.09
C PRO A 141 -3.45 16.37 0.71
N LEU A 142 -3.03 15.37 -0.07
CA LEU A 142 -3.58 15.14 -1.40
C LEU A 142 -3.75 13.64 -1.63
N THR A 143 -4.78 13.28 -2.39
CA THR A 143 -4.97 11.92 -2.87
C THR A 143 -5.06 11.99 -4.39
N LEU A 144 -3.93 11.79 -5.04
CA LEU A 144 -3.72 11.95 -6.47
C LEU A 144 -3.96 10.63 -7.21
N PRO A 145 -4.35 10.70 -8.48
CA PRO A 145 -4.60 9.48 -9.25
C PRO A 145 -3.33 8.91 -9.88
N GLN A 146 -3.41 7.61 -10.21
CA GLN A 146 -2.33 6.93 -10.89
C GLN A 146 -2.89 6.09 -12.02
N THR A 147 -2.07 5.88 -13.06
CA THR A 147 -2.50 5.21 -14.27
C THR A 147 -2.06 3.75 -14.22
N ARG A 148 -3.03 2.84 -14.31
CA ARG A 148 -2.75 1.42 -14.30
C ARG A 148 -2.24 0.98 -15.67
N GLY A 149 -1.91 -0.31 -15.79
CA GLY A 149 -1.43 -0.84 -17.05
C GLY A 149 -2.47 -0.81 -18.15
N ASP A 150 -3.75 -0.92 -17.78
CA ASP A 150 -4.84 -0.99 -18.74
C ASP A 150 -5.30 0.39 -19.21
N GLY A 151 -4.63 1.46 -18.80
CA GLY A 151 -4.91 2.79 -19.31
C GLY A 151 -5.81 3.64 -18.44
N LYS A 152 -6.65 3.04 -17.60
CA LYS A 152 -7.56 3.86 -16.83
C LYS A 152 -6.88 4.42 -15.58
N LYS A 153 -7.43 5.51 -15.08
CA LYS A 153 -6.83 6.26 -13.99
C LYS A 153 -7.66 6.05 -12.72
N ILE A 154 -6.98 5.79 -11.61
CA ILE A 154 -7.64 5.42 -10.36
C ILE A 154 -7.04 6.23 -9.22
N VAL A 155 -7.89 6.77 -8.36
CA VAL A 155 -7.48 7.30 -7.07
C VAL A 155 -7.62 6.19 -6.04
N SER A 156 -6.53 5.88 -5.34
CA SER A 156 -6.55 4.87 -4.28
C SER A 156 -5.83 5.41 -3.06
N TYR A 157 -6.48 5.31 -1.90
CA TYR A 157 -5.82 5.66 -0.66
C TYR A 157 -6.36 4.80 0.47
N GLN A 158 -5.49 4.54 1.44
CA GLN A 158 -5.87 3.79 2.62
C GLN A 158 -6.64 4.68 3.59
N VAL A 159 -7.53 4.06 4.36
CA VAL A 159 -8.18 4.71 5.48
C VAL A 159 -7.91 3.86 6.71
N ILE A 160 -7.69 4.50 7.85
CA ILE A 160 -7.21 3.81 9.02
C ILE A 160 -8.11 4.07 10.21
N GLY A 161 -8.16 3.11 11.13
CA GLY A 161 -8.92 3.25 12.34
C GLY A 161 -10.40 3.00 12.13
N GLU A 162 -11.13 2.93 13.25
CA GLU A 162 -12.57 2.81 13.17
C GLU A 162 -13.21 4.01 12.49
N ASP A 163 -12.55 5.16 12.48
CA ASP A 163 -13.09 6.38 11.92
C ASP A 163 -12.69 6.61 10.47
N ASN A 164 -11.90 5.71 9.88
CA ASN A 164 -11.51 5.78 8.47
C ASN A 164 -10.82 7.11 8.12
N VAL A 165 -9.76 7.43 8.87
CA VAL A 165 -8.95 8.60 8.56
C VAL A 165 -8.19 8.35 7.26
N ALA A 166 -8.35 9.25 6.30
CA ALA A 166 -7.76 9.08 4.97
C ALA A 166 -6.25 9.31 5.00
N VAL A 167 -5.49 8.35 4.46
CA VAL A 167 -4.04 8.46 4.35
C VAL A 167 -3.72 9.10 3.00
N PRO A 168 -3.10 10.29 2.97
CA PRO A 168 -2.78 10.91 1.68
C PRO A 168 -1.65 10.20 0.96
N SER A 169 -1.72 10.23 -0.37
CA SER A 169 -0.63 9.79 -1.21
C SER A 169 0.49 10.82 -1.29
N HIS A 170 0.14 12.08 -1.13
CA HIS A 170 1.07 13.19 -1.32
C HIS A 170 0.74 14.27 -0.30
N LEU A 171 1.74 15.09 -0.03
CA LEU A 171 1.57 16.31 0.77
C LEU A 171 1.97 17.49 -0.08
N TYR A 172 1.31 18.63 0.13
CA TYR A 172 1.68 19.86 -0.57
C TYR A 172 2.08 20.93 0.42
N LYS A 173 2.85 21.90 -0.08
CA LYS A 173 3.21 23.07 0.70
C LYS A 173 3.35 24.25 -0.24
N VAL A 174 2.70 25.36 0.08
CA VAL A 174 2.85 26.61 -0.67
C VAL A 174 3.51 27.62 0.25
N ILE A 175 4.57 28.25 -0.25
CA ILE A 175 5.40 29.16 0.53
C ILE A 175 5.35 30.54 -0.12
N LEU A 176 4.89 31.53 0.66
CA LEU A 176 4.85 32.92 0.24
C LEU A 176 5.68 33.75 1.20
N ALA A 177 6.67 34.48 0.68
CA ALA A 177 7.59 35.22 1.53
C ALA A 177 7.68 36.68 1.11
N ARG A 178 7.65 37.57 2.10
CA ARG A 178 7.77 38.99 1.87
C ARG A 178 9.06 39.51 2.51
N ARG A 179 9.86 40.22 1.72
CA ARG A 179 11.13 40.72 2.23
C ARG A 179 10.90 41.67 3.41
N SER A 180 10.05 42.68 3.21
CA SER A 180 9.68 43.56 4.30
C SER A 180 8.34 44.20 3.99
N SER A 181 7.69 44.70 5.04
CA SER A 181 6.37 45.32 4.90
C SER A 181 6.43 46.70 4.26
N VAL A 182 7.62 47.28 4.13
CA VAL A 182 7.78 48.57 3.48
C VAL A 182 8.50 48.49 2.15
N SER A 183 9.24 47.41 1.89
CA SER A 183 9.99 47.26 0.66
C SER A 183 9.07 47.13 -0.54
N THR A 184 9.61 47.44 -1.71
CA THR A 184 8.91 47.28 -2.98
C THR A 184 9.38 46.04 -3.74
N GLU A 185 10.24 45.22 -3.13
CA GLU A 185 10.65 43.99 -3.78
C GLU A 185 9.44 43.08 -3.96
N PRO A 186 9.28 42.46 -5.12
CA PRO A 186 8.16 41.55 -5.33
C PRO A 186 8.22 40.36 -4.39
N LEU A 187 7.06 39.73 -4.20
CA LEU A 187 6.95 38.58 -3.30
C LEU A 187 7.52 37.34 -3.96
N ALA A 188 7.97 36.41 -3.11
CA ALA A 188 8.48 35.12 -3.55
C ALA A 188 7.47 34.03 -3.23
N LEU A 189 7.24 33.14 -4.19
CA LEU A 189 6.23 32.08 -4.08
C LEU A 189 6.81 30.77 -4.58
N GLY A 190 6.59 29.70 -3.81
CA GLY A 190 6.87 28.35 -4.27
C GLY A 190 5.78 27.38 -3.85
N ALA A 191 5.47 26.42 -4.72
CA ALA A 191 4.49 25.37 -4.44
C ALA A 191 5.13 24.02 -4.72
N PHE A 192 4.94 23.07 -3.82
CA PHE A 192 5.65 21.80 -3.84
C PHE A 192 4.71 20.66 -3.51
N VAL A 193 4.90 19.52 -4.17
CA VAL A 193 4.10 18.32 -3.92
C VAL A 193 5.08 17.16 -3.75
N VAL A 194 5.14 16.58 -2.54
CA VAL A 194 6.05 15.47 -2.29
C VAL A 194 5.22 14.22 -1.97
N PRO A 195 5.66 13.04 -2.40
CA PRO A 195 4.92 11.81 -2.05
C PRO A 195 5.06 11.45 -0.57
N ASN A 196 3.98 10.86 -0.04
CA ASN A 196 3.88 10.51 1.39
C ASN A 196 4.60 9.19 1.63
N GLU A 197 5.93 9.25 1.52
CA GLU A 197 6.80 8.08 1.53
C GLU A 197 8.20 8.53 1.90
N ALA A 198 9.06 7.57 2.21
CA ALA A 198 10.45 7.87 2.53
C ALA A 198 11.12 8.49 1.32
N ILE A 199 11.79 9.63 1.54
CA ILE A 199 12.56 10.34 0.53
C ILE A 199 13.94 10.60 1.12
N GLY A 200 14.98 10.20 0.41
CA GLY A 200 16.31 10.35 0.95
C GLY A 200 16.86 11.76 0.90
N PHE A 201 18.16 11.89 0.66
CA PHE A 201 18.81 13.18 0.53
C PHE A 201 19.16 13.54 -0.90
N GLN A 202 18.96 12.61 -1.86
CA GLN A 202 19.29 12.90 -3.25
C GLN A 202 18.34 13.91 -3.88
N PRO A 203 17.01 13.78 -3.76
CA PRO A 203 16.13 14.73 -4.44
C PRO A 203 16.27 16.13 -3.86
N GLN A 204 16.64 17.07 -4.73
CA GLN A 204 16.57 18.49 -4.36
C GLN A 204 15.12 18.94 -4.32
N LEU A 205 14.85 19.90 -3.43
CA LEU A 205 13.49 20.40 -3.24
C LEU A 205 12.85 20.87 -4.55
N THR A 206 13.64 21.46 -5.45
CA THR A 206 13.11 21.95 -6.72
C THR A 206 12.59 20.81 -7.59
N GLU A 207 12.96 19.57 -7.30
CA GLU A 207 12.44 18.43 -8.06
C GLU A 207 10.98 18.14 -7.75
N PHE A 208 10.46 18.61 -6.62
CA PHE A 208 9.07 18.44 -6.26
C PHE A 208 8.26 19.72 -6.48
N GLN A 209 8.86 20.73 -7.10
CA GLN A 209 8.18 21.99 -7.31
C GLN A 209 7.16 21.84 -8.43
N VAL A 210 6.02 22.49 -8.26
CA VAL A 210 4.99 22.51 -9.28
C VAL A 210 4.52 23.96 -9.41
N SER A 211 3.88 24.25 -10.54
CA SER A 211 3.27 25.56 -10.67
C SER A 211 2.08 25.68 -9.74
N LEU A 212 1.83 26.90 -9.26
CA LEU A 212 0.72 27.11 -8.34
C LEU A 212 -0.60 26.73 -9.00
N GLN A 213 -0.74 27.04 -10.29
CA GLN A 213 -1.95 26.70 -11.02
C GLN A 213 -2.15 25.19 -11.12
N ASP A 214 -1.06 24.43 -11.27
CA ASP A 214 -1.21 22.98 -11.34
C ASP A 214 -1.62 22.39 -10.00
N LEU A 215 -1.09 22.94 -8.90
CA LEU A 215 -1.52 22.47 -7.58
C LEU A 215 -2.99 22.82 -7.32
N GLU A 216 -3.40 24.03 -7.69
CA GLU A 216 -4.78 24.41 -7.46
C GLU A 216 -5.74 23.53 -8.23
N LYS A 217 -5.36 23.15 -9.47
CA LYS A 217 -6.17 22.21 -10.23
C LYS A 217 -6.19 20.84 -9.56
N LEU A 218 -5.05 20.40 -9.02
CA LEU A 218 -5.00 19.10 -8.37
C LEU A 218 -5.77 19.10 -7.06
N SER A 219 -5.67 20.18 -6.28
CA SER A 219 -6.22 20.19 -4.93
C SER A 219 -7.65 20.69 -4.85
N GLY A 220 -8.16 21.34 -5.91
CA GLY A 220 -9.45 21.96 -5.81
C GLY A 220 -9.49 23.16 -4.89
N LEU A 221 -8.35 23.80 -4.66
CA LEU A 221 -8.24 24.93 -3.76
C LEU A 221 -7.76 26.16 -4.53
N VAL A 222 -8.05 27.33 -3.98
CA VAL A 222 -7.47 28.59 -4.44
C VAL A 222 -6.68 29.17 -3.28
N PHE A 223 -5.35 29.19 -3.41
CA PHE A 223 -4.48 29.67 -2.35
C PHE A 223 -4.28 31.18 -2.46
N PHE A 224 -4.22 31.84 -1.30
CA PHE A 224 -3.92 33.27 -1.19
C PHE A 224 -4.77 34.09 -2.17
N PRO A 225 -6.09 34.12 -2.01
CA PRO A 225 -6.93 34.80 -3.02
C PRO A 225 -6.76 36.31 -3.04
N HIS A 226 -6.28 36.93 -1.97
CA HIS A 226 -6.01 38.36 -1.96
C HIS A 226 -4.58 38.69 -2.39
N LEU A 227 -3.86 37.71 -2.92
CA LEU A 227 -2.52 37.93 -3.45
C LEU A 227 -2.62 38.41 -4.89
N ASP A 228 -1.94 39.52 -5.19
CA ASP A 228 -1.96 40.07 -6.53
C ASP A 228 -1.12 39.23 -7.48
N ARG A 229 -1.75 38.21 -8.09
CA ARG A 229 -1.06 37.39 -9.08
C ARG A 229 -0.65 38.19 -10.30
N THR A 230 -1.25 39.36 -10.46
CA THR A 230 -0.97 40.21 -11.61
C THR A 230 0.41 40.84 -11.51
N SER A 231 0.81 41.24 -10.30
CA SER A 231 2.10 41.87 -10.11
C SER A 231 3.23 40.88 -10.37
N ASP A 232 4.45 41.41 -10.41
CA ASP A 232 5.62 40.55 -10.50
C ASP A 232 5.71 39.70 -9.24
N ILE A 233 5.70 38.39 -9.40
CA ILE A 233 5.94 37.47 -8.30
C ILE A 233 7.11 36.59 -8.71
N ARG A 234 8.16 36.59 -7.91
CA ARG A 234 9.40 35.94 -8.25
C ARG A 234 9.33 34.45 -7.92
N ASN A 235 10.25 33.68 -8.52
CA ASN A 235 10.29 32.26 -8.19
C ASN A 235 11.12 32.10 -6.93
N ILE A 236 10.51 31.48 -5.90
CA ILE A 236 11.21 31.37 -4.63
C ILE A 236 12.46 30.51 -4.78
N CYS A 237 12.49 29.57 -5.73
CA CYS A 237 13.71 28.81 -5.96
C CYS A 237 14.71 29.55 -6.85
N SER A 238 14.34 30.72 -7.36
CA SER A 238 15.28 31.57 -8.08
C SER A 238 15.82 32.69 -7.20
N VAL A 239 14.94 33.48 -6.57
CA VAL A 239 15.43 34.53 -5.68
C VAL A 239 16.03 33.94 -4.41
N ASP A 240 15.73 32.67 -4.10
CA ASP A 240 16.33 32.04 -2.93
C ASP A 240 16.87 30.65 -3.31
N THR A 241 17.25 29.85 -2.32
CA THR A 241 18.01 28.64 -2.58
C THR A 241 17.15 27.43 -2.87
N CYS A 242 16.04 27.26 -2.12
CA CYS A 242 15.27 26.01 -2.12
C CYS A 242 16.15 24.81 -1.87
N LYS A 243 17.18 24.99 -1.04
CA LYS A 243 18.15 23.95 -0.74
C LYS A 243 17.94 23.50 0.70
N LEU A 244 17.70 22.20 0.87
CA LEU A 244 17.52 21.64 2.20
C LEU A 244 18.88 21.28 2.80
N LEU A 245 18.89 21.09 4.11
CA LEU A 245 20.09 20.59 4.77
C LEU A 245 20.49 19.26 4.15
N ASP A 246 21.79 19.04 4.05
CA ASP A 246 22.31 17.80 3.51
C ASP A 246 22.45 16.78 4.64
N PHE A 247 22.92 15.58 4.29
CA PHE A 247 23.06 14.52 5.27
C PHE A 247 24.00 14.91 6.41
N GLN A 248 25.08 15.63 6.10
CA GLN A 248 26.05 15.99 7.13
C GLN A 248 25.48 17.04 8.09
N GLU A 249 24.89 18.10 7.55
CA GLU A 249 24.32 19.14 8.40
C GLU A 249 23.15 18.60 9.22
N PHE A 250 22.27 17.80 8.60
CA PHE A 250 21.10 17.28 9.30
C PHE A 250 21.51 16.33 10.42
N THR A 251 22.33 15.33 10.11
CA THR A 251 22.78 14.38 11.13
C THR A 251 23.50 15.10 12.26
N LEU A 252 24.31 16.11 11.94
CA LEU A 252 24.98 16.88 12.98
C LEU A 252 23.97 17.59 13.87
N TYR A 253 23.02 18.29 13.25
CA TYR A 253 21.98 19.00 13.98
C TYR A 253 21.26 18.09 14.97
N LEU A 254 20.82 16.92 14.49
CA LEU A 254 20.11 15.97 15.35
C LEU A 254 21.01 15.45 16.47
N SER A 255 22.30 15.26 16.18
CA SER A 255 23.21 14.71 17.18
C SER A 255 23.42 15.68 18.34
N THR A 256 23.53 16.98 18.04
CA THR A 256 23.71 17.96 19.10
C THR A 256 22.46 18.06 19.98
N ARG A 257 21.28 17.99 19.37
CA ARG A 257 20.06 18.00 20.15
C ARG A 257 19.84 16.69 20.90
N LYS A 258 20.46 15.60 20.44
CA LYS A 258 20.33 14.33 21.14
C LYS A 258 21.20 14.26 22.38
N ILE A 259 22.34 14.95 22.40
CA ILE A 259 23.22 14.89 23.57
C ILE A 259 22.68 15.69 24.74
N GLU A 260 21.83 16.70 24.48
CA GLU A 260 21.15 17.40 25.57
C GLU A 260 20.17 16.50 26.29
N GLY A 261 19.68 15.45 25.63
CA GLY A 261 18.78 14.50 26.25
C GLY A 261 19.49 13.23 26.68
N ALA A 262 20.78 13.34 26.99
CA ALA A 262 21.56 12.21 27.47
C ALA A 262 21.41 12.15 28.99
N ARG A 263 20.43 11.37 29.43
CA ARG A 263 20.20 11.13 30.85
C ARG A 263 20.85 9.84 31.32
N SER A 264 21.61 9.19 30.45
CA SER A 264 22.42 8.02 30.79
C SER A 264 23.77 8.17 30.13
N VAL A 265 24.85 7.97 30.90
CA VAL A 265 26.19 8.12 30.34
C VAL A 265 26.42 7.13 29.20
N LEU A 266 25.89 5.91 29.34
CA LEU A 266 26.00 4.94 28.26
C LEU A 266 25.27 5.41 27.01
N ARG A 267 24.25 6.26 27.18
CA ARG A 267 23.50 6.77 26.04
C ARG A 267 24.28 7.85 25.30
N LEU A 268 24.92 8.75 26.06
CA LEU A 268 25.80 9.74 25.46
C LEU A 268 26.93 9.05 24.70
N GLU A 269 27.44 7.94 25.22
CA GLU A 269 28.48 7.19 24.53
C GLU A 269 27.96 6.59 23.24
N LYS A 270 26.74 6.04 23.27
CA LYS A 270 26.14 5.48 22.06
C LYS A 270 26.00 6.55 20.99
N ILE A 271 25.47 7.72 21.36
CA ILE A 271 25.33 8.83 20.42
C ILE A 271 26.64 9.12 19.73
N MET A 272 27.74 9.10 20.48
CA MET A 272 29.06 9.37 19.90
C MET A 272 29.37 8.38 18.78
N GLU A 273 29.14 7.08 19.05
CA GLU A 273 29.45 6.06 18.06
C GLU A 273 28.62 6.25 16.79
N ASN A 274 27.32 6.49 16.94
CA ASN A 274 26.45 6.67 15.78
C ASN A 274 26.89 7.84 14.92
N LEU A 275 27.44 8.89 15.54
CA LEU A 275 27.84 10.07 14.78
C LEU A 275 29.07 9.80 13.92
N LYS A 276 30.02 9.01 14.45
CA LYS A 276 31.32 8.89 13.80
C LYS A 276 31.28 8.14 12.47
N ASN A 277 30.13 7.62 12.05
CA ASN A 277 30.04 7.07 10.70
C ASN A 277 30.30 8.15 9.65
N ALA A 278 29.72 9.33 9.84
CA ALA A 278 29.79 10.40 8.87
C ALA A 278 30.99 11.33 9.08
N GLU A 279 31.94 10.95 9.95
CA GLU A 279 33.19 11.69 10.19
C GLU A 279 32.93 13.19 10.44
N ILE A 280 32.05 13.48 11.39
CA ILE A 280 31.72 14.85 11.72
C ILE A 280 32.29 15.20 13.09
N GLU A 281 32.77 16.44 13.22
CA GLU A 281 33.16 17.03 14.49
C GLU A 281 32.92 18.53 14.40
N PRO A 282 32.05 19.08 15.24
CA PRO A 282 31.85 20.53 15.22
C PRO A 282 32.18 21.19 16.56
N ASP A 283 32.23 22.52 16.58
CA ASP A 283 32.70 23.24 17.75
C ASP A 283 31.66 23.25 18.87
N ASP A 284 30.41 23.61 18.56
CA ASP A 284 29.39 23.70 19.60
C ASP A 284 29.11 22.33 20.22
N TYR A 285 28.98 21.29 19.38
CA TYR A 285 28.81 19.94 19.89
C TYR A 285 30.02 19.49 20.68
N PHE A 286 31.23 19.82 20.20
CA PHE A 286 32.47 19.62 20.94
C PHE A 286 32.31 20.10 22.38
N MET A 287 31.88 21.35 22.55
CA MET A 287 31.67 21.90 23.88
C MET A 287 30.50 21.24 24.59
N SER A 288 29.36 21.15 23.90
CA SER A 288 28.15 20.61 24.53
C SER A 288 28.32 19.14 24.91
N ARG A 289 29.21 18.41 24.24
CA ARG A 289 29.42 17.02 24.59
C ARG A 289 30.08 16.90 25.96
N TYR A 290 31.15 17.66 26.19
CA TYR A 290 31.85 17.60 27.47
C TYR A 290 30.99 18.11 28.61
N GLU A 291 30.18 19.14 28.35
CA GLU A 291 29.36 19.74 29.40
C GLU A 291 28.36 18.72 29.96
N LYS A 292 27.95 17.75 29.15
CA LYS A 292 27.06 16.69 29.60
C LYS A 292 27.74 15.33 29.66
N LYS A 293 29.02 15.25 29.32
CA LYS A 293 29.73 13.98 29.41
C LYS A 293 30.20 13.70 30.84
N LEU A 294 30.63 14.74 31.54
CA LEU A 294 31.17 14.57 32.89
C LEU A 294 30.18 13.85 33.80
N GLU A 295 28.88 14.08 33.60
CA GLU A 295 27.84 13.41 34.37
C GLU A 295 27.93 11.89 34.22
N ALA B 3 -4.74 38.92 12.08
CA ALA B 3 -4.31 40.08 11.30
C ALA B 3 -3.36 39.65 10.19
N VAL B 4 -2.08 39.48 10.53
CA VAL B 4 -1.07 39.16 9.51
C VAL B 4 -1.23 37.75 8.97
N LEU B 5 -1.82 36.84 9.75
CA LEU B 5 -2.02 35.47 9.28
C LEU B 5 -2.91 35.44 8.04
N GLU B 6 -3.96 36.24 8.02
CA GLU B 6 -4.89 36.32 6.91
C GLU B 6 -4.58 37.47 5.96
N GLN B 7 -3.33 37.95 5.99
CA GLN B 7 -2.93 39.10 5.18
C GLN B 7 -3.28 38.91 3.71
N PHE B 8 -3.10 37.71 3.18
CA PHE B 8 -3.40 37.42 1.78
C PHE B 8 -4.64 36.54 1.63
N GLY B 9 -5.44 36.40 2.68
CA GLY B 9 -6.68 35.66 2.60
C GLY B 9 -6.50 34.18 2.87
N PHE B 10 -7.57 33.56 3.34
CA PHE B 10 -7.64 32.13 3.52
C PHE B 10 -7.84 31.45 2.17
N PRO B 11 -7.26 30.26 1.97
CA PRO B 11 -7.51 29.52 0.73
C PRO B 11 -9.00 29.22 0.58
N LEU B 12 -9.43 29.12 -0.68
CA LEU B 12 -10.84 28.95 -1.01
C LEU B 12 -11.14 27.51 -1.38
N THR B 13 -12.15 26.92 -0.72
CA THR B 13 -12.58 25.57 -1.04
C THR B 13 -13.75 25.55 -2.04
N GLY B 14 -14.53 26.63 -2.12
CA GLY B 14 -15.61 26.70 -3.09
C GLY B 14 -16.80 25.80 -2.78
N THR B 15 -17.08 25.56 -1.50
CA THR B 15 -18.14 24.65 -1.10
C THR B 15 -19.45 25.36 -0.76
N GLU B 16 -19.58 26.63 -1.11
CA GLU B 16 -20.77 27.39 -0.78
C GLU B 16 -21.97 26.87 -1.58
N ALA B 17 -23.15 27.01 -0.98
CA ALA B 17 -24.38 26.56 -1.62
C ALA B 17 -24.70 27.45 -2.82
N ARG B 18 -25.06 26.82 -3.92
CA ARG B 18 -25.40 27.51 -5.16
C ARG B 18 -26.85 27.22 -5.48
N CYS B 19 -27.66 28.27 -5.58
CA CYS B 19 -29.10 28.15 -5.72
C CYS B 19 -29.50 28.35 -7.18
N TYR B 20 -30.26 27.41 -7.71
CA TYR B 20 -30.84 27.51 -9.03
C TYR B 20 -32.36 27.53 -8.88
N THR B 21 -33.07 27.36 -10.00
CA THR B 21 -34.51 27.59 -10.00
C THR B 21 -35.24 26.60 -9.11
N ASN B 22 -34.90 25.31 -9.20
CA ASN B 22 -35.60 24.30 -8.41
C ASN B 22 -34.64 23.30 -7.77
N HIS B 23 -33.37 23.66 -7.61
CA HIS B 23 -32.46 22.84 -6.84
C HIS B 23 -31.31 23.72 -6.35
N ALA B 24 -30.63 23.25 -5.31
CA ALA B 24 -29.42 23.85 -4.79
C ALA B 24 -28.37 22.77 -4.65
N LEU B 25 -27.10 23.15 -4.79
CA LEU B 25 -26.02 22.18 -4.71
C LEU B 25 -24.78 22.81 -4.09
N SER B 26 -23.93 21.94 -3.55
CA SER B 26 -22.57 22.26 -3.17
C SER B 26 -21.63 21.50 -4.08
N TYR B 27 -20.70 22.20 -4.70
CA TYR B 27 -19.83 21.62 -5.72
C TYR B 27 -18.49 21.22 -5.11
N ASP B 28 -17.95 20.09 -5.57
CA ASP B 28 -16.66 19.59 -5.13
C ASP B 28 -15.65 19.91 -6.23
N GLN B 29 -14.75 20.87 -5.96
CA GLN B 29 -13.83 21.34 -6.98
C GLN B 29 -12.73 20.32 -7.28
N ALA B 30 -12.32 19.52 -6.30
CA ALA B 30 -11.29 18.51 -6.56
C ALA B 30 -11.83 17.38 -7.43
N LYS B 31 -13.05 16.92 -7.16
CA LYS B 31 -13.62 15.77 -7.85
C LYS B 31 -14.42 16.13 -9.10
N ARG B 32 -14.72 17.41 -9.32
CA ARG B 32 -15.48 17.85 -10.49
C ARG B 32 -16.92 17.31 -10.50
N VAL B 33 -17.48 17.12 -9.31
CA VAL B 33 -18.85 16.62 -9.15
C VAL B 33 -19.51 17.37 -8.01
N PRO B 34 -20.84 17.38 -7.95
CA PRO B 34 -21.50 17.95 -6.76
C PRO B 34 -21.21 17.10 -5.54
N ARG B 35 -21.23 17.72 -4.37
CA ARG B 35 -21.15 16.97 -3.11
C ARG B 35 -22.54 16.62 -2.59
N TRP B 36 -23.50 17.53 -2.77
CA TRP B 36 -24.90 17.25 -2.50
C TRP B 36 -25.72 18.13 -3.40
N VAL B 37 -26.91 17.64 -3.78
CA VAL B 37 -27.87 18.39 -4.56
C VAL B 37 -29.22 18.26 -3.86
N LEU B 38 -29.76 19.38 -3.42
CA LEU B 38 -31.05 19.41 -2.75
C LEU B 38 -32.12 19.88 -3.72
N GLU B 39 -33.27 19.20 -3.70
CA GLU B 39 -34.40 19.58 -4.53
C GLU B 39 -35.68 19.40 -3.72
N HIS B 40 -36.74 20.04 -4.19
CA HIS B 40 -38.05 19.96 -3.56
C HIS B 40 -39.08 19.61 -4.61
N ILE B 41 -39.86 18.56 -4.34
CA ILE B 41 -40.84 18.01 -5.28
C ILE B 41 -42.25 18.26 -4.75
N SER B 42 -43.14 18.66 -5.65
CA SER B 42 -44.56 18.75 -5.36
C SER B 42 -45.33 18.30 -6.58
N LYS B 43 -46.64 18.14 -6.40
CA LYS B 43 -47.50 17.66 -7.49
C LYS B 43 -47.47 18.61 -8.69
N SER B 44 -47.49 19.92 -8.44
CA SER B 44 -47.54 20.87 -9.54
C SER B 44 -46.20 20.97 -10.28
N LYS B 45 -45.08 20.64 -9.63
CA LYS B 45 -43.78 20.80 -10.28
C LYS B 45 -43.46 19.69 -11.27
N ILE B 46 -44.04 18.51 -11.10
CA ILE B 46 -43.74 17.39 -12.00
C ILE B 46 -44.75 17.36 -13.14
N MET B 47 -45.55 18.41 -13.24
CA MET B 47 -46.47 18.59 -14.35
C MET B 47 -46.06 19.80 -15.17
N GLY B 48 -46.20 19.69 -16.48
CA GLY B 48 -45.89 20.81 -17.36
C GLY B 48 -45.35 20.31 -18.68
N ASP B 49 -44.98 21.28 -19.53
CA ASP B 49 -44.60 21.03 -20.90
C ASP B 49 -43.09 21.16 -21.15
N ALA B 50 -42.27 21.29 -20.11
CA ALA B 50 -40.83 21.33 -20.33
C ALA B 50 -40.37 20.01 -20.92
N ASP B 51 -39.50 20.10 -21.91
CA ASP B 51 -39.06 18.93 -22.68
C ASP B 51 -37.53 18.86 -22.65
N ARG B 52 -36.99 17.73 -22.16
CA ARG B 52 -35.54 17.60 -22.07
C ARG B 52 -34.89 17.52 -23.44
N LYS B 53 -35.65 17.16 -24.49
CA LYS B 53 -35.09 17.12 -25.84
C LYS B 53 -34.69 18.50 -26.33
N HIS B 54 -35.10 19.56 -25.66
CA HIS B 54 -34.63 20.92 -25.95
C HIS B 54 -33.44 21.31 -25.08
N CYS B 55 -32.95 20.41 -24.24
CA CYS B 55 -31.82 20.69 -23.36
C CYS B 55 -30.58 19.98 -23.84
N LYS B 56 -29.44 20.36 -23.26
CA LYS B 56 -28.17 19.73 -23.57
C LYS B 56 -27.22 19.92 -22.40
N PHE B 57 -26.48 18.86 -22.08
CA PHE B 57 -25.46 18.97 -21.05
C PHE B 57 -24.41 19.99 -21.45
N LYS B 58 -24.00 20.81 -20.48
CA LYS B 58 -23.00 21.84 -20.73
C LYS B 58 -22.35 22.19 -19.40
N PRO B 59 -21.14 22.75 -19.43
CA PRO B 59 -20.54 23.26 -18.19
C PRO B 59 -21.40 24.32 -17.55
N ASP B 60 -21.37 24.36 -16.22
CA ASP B 60 -22.05 25.39 -15.43
C ASP B 60 -21.25 26.68 -15.52
N PRO B 61 -21.80 27.73 -16.13
CA PRO B 61 -21.03 28.98 -16.27
C PRO B 61 -20.64 29.60 -14.95
N ASN B 62 -21.32 29.26 -13.85
CA ASN B 62 -20.98 29.82 -12.54
C ASN B 62 -19.78 29.12 -11.91
N ILE B 63 -19.32 28.00 -12.47
CA ILE B 63 -18.16 27.31 -11.92
C ILE B 63 -16.90 27.85 -12.58
N PRO B 64 -15.84 28.14 -11.84
CA PRO B 64 -14.56 28.46 -12.47
C PRO B 64 -14.13 27.33 -13.39
N PRO B 65 -13.77 27.65 -14.64
CA PRO B 65 -13.51 26.57 -15.60
C PRO B 65 -12.36 25.65 -15.23
N THR B 66 -11.44 26.10 -14.37
CA THR B 66 -10.38 25.21 -13.91
C THR B 66 -10.94 24.01 -13.16
N PHE B 67 -12.05 24.19 -12.46
CA PHE B 67 -12.64 23.15 -11.63
C PHE B 67 -13.93 22.57 -12.20
N SER B 68 -14.28 22.93 -13.43
CA SER B 68 -15.49 22.41 -14.05
C SER B 68 -15.19 21.16 -14.87
N ALA B 69 -16.16 20.26 -14.89
CA ALA B 69 -16.11 19.16 -15.84
C ALA B 69 -16.56 19.65 -17.22
N PHE B 70 -16.30 18.83 -18.23
CA PHE B 70 -16.69 19.12 -19.60
C PHE B 70 -17.20 17.83 -20.23
N ASN B 71 -17.96 17.99 -21.31
CA ASN B 71 -18.56 16.82 -21.96
C ASN B 71 -17.51 15.87 -22.51
N GLU B 72 -16.33 16.38 -22.87
CA GLU B 72 -15.24 15.52 -23.33
C GLU B 72 -14.80 14.54 -22.25
N ASP B 73 -14.94 14.92 -20.97
CA ASP B 73 -14.61 14.01 -19.88
C ASP B 73 -15.51 12.78 -19.88
N TYR B 74 -16.81 12.99 -20.16
CA TYR B 74 -17.79 11.92 -20.13
C TYR B 74 -17.90 11.16 -21.44
N VAL B 75 -17.87 11.88 -22.57
CA VAL B 75 -18.07 11.26 -23.87
C VAL B 75 -16.94 10.29 -24.16
N GLY B 76 -17.28 9.01 -24.31
CA GLY B 76 -16.29 7.99 -24.60
C GLY B 76 -15.65 7.34 -23.38
N SER B 77 -16.10 7.70 -22.17
CA SER B 77 -15.51 7.19 -20.94
C SER B 77 -16.09 5.86 -20.50
N GLY B 78 -17.19 5.41 -21.10
CA GLY B 78 -17.90 4.25 -20.61
C GLY B 78 -18.82 4.51 -19.45
N TRP B 79 -18.99 5.78 -19.04
CA TRP B 79 -19.92 6.15 -17.97
C TRP B 79 -20.90 7.17 -18.52
N SER B 80 -22.13 7.13 -18.02
CA SER B 80 -23.14 8.06 -18.46
C SER B 80 -23.13 9.31 -17.60
N ARG B 81 -23.78 10.36 -18.09
CA ARG B 81 -23.97 11.59 -17.34
C ARG B 81 -25.20 11.44 -16.44
N GLY B 82 -25.00 11.29 -15.16
CA GLY B 82 -26.08 11.04 -14.22
C GLY B 82 -26.46 12.29 -13.46
N HIS B 83 -27.69 12.76 -13.68
CA HIS B 83 -28.19 13.92 -12.96
C HIS B 83 -28.58 13.54 -11.53
N MET B 84 -28.29 14.43 -10.59
CA MET B 84 -28.71 14.24 -9.21
C MET B 84 -30.10 14.83 -8.99
N ALA B 85 -30.31 16.08 -9.37
CA ALA B 85 -31.65 16.63 -9.49
C ALA B 85 -32.16 16.25 -10.87
N PRO B 86 -33.18 15.40 -10.97
CA PRO B 86 -33.59 14.88 -12.28
C PRO B 86 -34.38 15.91 -13.07
N ALA B 87 -34.27 15.80 -14.40
CA ALA B 87 -35.08 16.63 -15.28
C ALA B 87 -36.56 16.34 -15.12
N GLY B 88 -36.92 15.09 -14.79
CA GLY B 88 -38.30 14.70 -14.59
C GLY B 88 -38.99 15.40 -13.42
N ASN B 89 -38.24 16.07 -12.54
CA ASN B 89 -38.83 16.81 -11.44
C ASN B 89 -39.09 18.27 -11.79
N ASN B 90 -38.83 18.68 -13.03
CA ASN B 90 -38.91 20.08 -13.41
C ASN B 90 -39.69 20.26 -14.71
N LYS B 91 -40.79 19.52 -14.86
CA LYS B 91 -41.64 19.69 -16.03
C LYS B 91 -42.31 21.07 -16.04
N PHE B 92 -42.45 21.70 -14.89
CA PHE B 92 -43.17 22.97 -14.77
C PHE B 92 -42.38 24.16 -15.29
N SER B 93 -41.08 24.01 -15.53
CA SER B 93 -40.23 25.15 -15.88
C SER B 93 -39.16 24.70 -16.86
N SER B 94 -39.16 25.29 -18.06
CA SER B 94 -38.08 25.01 -18.99
C SER B 94 -36.74 25.45 -18.43
N LYS B 95 -36.71 26.51 -17.63
CA LYS B 95 -35.45 27.01 -17.09
C LYS B 95 -34.91 26.07 -16.01
N ALA B 96 -35.77 25.66 -15.06
CA ALA B 96 -35.31 24.75 -14.02
C ALA B 96 -34.80 23.45 -14.62
N MET B 97 -35.52 22.89 -15.61
CA MET B 97 -35.07 21.66 -16.23
C MET B 97 -33.71 21.84 -16.92
N ALA B 98 -33.57 22.91 -17.69
CA ALA B 98 -32.31 23.14 -18.41
C ALA B 98 -31.14 23.32 -17.44
N GLU B 99 -31.39 23.90 -16.26
CA GLU B 99 -30.34 24.05 -15.26
C GLU B 99 -29.90 22.71 -14.67
N THR B 100 -30.77 21.69 -14.67
CA THR B 100 -30.35 20.36 -14.24
C THR B 100 -29.37 19.71 -15.21
N PHE B 101 -29.20 20.27 -16.41
CA PHE B 101 -28.23 19.78 -17.37
C PHE B 101 -26.87 20.45 -17.25
N TYR B 102 -26.70 21.41 -16.33
CA TYR B 102 -25.35 21.84 -15.98
C TYR B 102 -24.56 20.66 -15.44
N LEU B 103 -23.26 20.62 -15.75
CA LEU B 103 -22.44 19.50 -15.30
C LEU B 103 -22.15 19.58 -13.81
N SER B 104 -22.46 20.70 -13.16
CA SER B 104 -22.38 20.77 -11.70
C SER B 104 -23.40 19.86 -11.02
N ASN B 105 -24.44 19.44 -11.75
CA ASN B 105 -25.47 18.54 -11.25
C ASN B 105 -25.22 17.09 -11.64
N ILE B 106 -24.10 16.81 -12.30
CA ILE B 106 -23.88 15.55 -13.01
C ILE B 106 -22.74 14.77 -12.36
N VAL B 107 -22.91 13.46 -12.24
CA VAL B 107 -21.83 12.57 -11.82
C VAL B 107 -21.68 11.45 -12.84
N PRO B 108 -20.50 10.84 -12.97
CA PRO B 108 -20.37 9.63 -13.81
C PRO B 108 -21.17 8.49 -13.21
N GLN B 109 -22.13 7.99 -13.97
CA GLN B 109 -23.04 6.97 -13.49
C GLN B 109 -23.10 5.81 -14.47
N ASP B 110 -23.26 4.60 -13.93
CA ASP B 110 -23.45 3.42 -14.76
C ASP B 110 -24.75 3.53 -15.57
N PHE B 111 -24.67 3.14 -16.84
CA PHE B 111 -25.81 3.30 -17.75
C PHE B 111 -27.05 2.57 -17.24
N ASP B 112 -26.90 1.27 -16.97
CA ASP B 112 -28.04 0.48 -16.50
C ASP B 112 -28.58 1.02 -15.19
N ASN B 113 -27.70 1.48 -14.31
CA ASN B 113 -28.14 2.04 -13.03
C ASN B 113 -28.94 3.33 -13.25
N ASN B 114 -28.40 4.27 -14.04
CA ASN B 114 -29.13 5.53 -14.23
C ASN B 114 -30.45 5.30 -14.93
N SER B 115 -30.47 4.46 -15.96
CA SER B 115 -31.71 4.23 -16.70
C SER B 115 -32.64 3.25 -16.00
N GLY B 116 -32.13 2.45 -15.08
CA GLY B 116 -32.93 1.43 -14.43
C GLY B 116 -33.22 1.70 -12.97
N TYR B 117 -32.42 1.14 -12.07
CA TYR B 117 -32.76 1.17 -10.65
C TYR B 117 -32.87 2.60 -10.14
N TRP B 118 -31.85 3.42 -10.41
CA TRP B 118 -31.86 4.79 -9.91
C TRP B 118 -33.04 5.57 -10.49
N ASN B 119 -33.36 5.32 -11.76
CA ASN B 119 -34.54 5.92 -12.39
C ASN B 119 -35.80 5.52 -11.63
N ARG B 120 -35.91 4.26 -11.23
CA ARG B 120 -37.10 3.82 -10.50
C ARG B 120 -37.19 4.47 -9.12
N ILE B 121 -36.06 4.76 -8.50
CA ILE B 121 -36.05 5.49 -7.23
C ILE B 121 -36.54 6.92 -7.45
N GLU B 122 -36.09 7.56 -8.53
CA GLU B 122 -36.59 8.88 -8.87
C GLU B 122 -38.09 8.86 -9.14
N MET B 123 -38.58 7.79 -9.77
CA MET B 123 -40.02 7.66 -9.98
C MET B 123 -40.78 7.56 -8.66
N TYR B 124 -40.23 6.80 -7.70
CA TYR B 124 -40.90 6.66 -6.41
C TYR B 124 -40.96 7.99 -5.66
N CYS B 125 -39.91 8.82 -5.77
CA CYS B 125 -39.96 10.13 -5.13
C CYS B 125 -41.08 10.98 -5.71
N ARG B 126 -41.26 10.96 -7.04
CA ARG B 126 -42.37 11.66 -7.65
C ARG B 126 -43.70 11.03 -7.28
N GLU B 127 -43.73 9.71 -7.11
CA GLU B 127 -44.94 9.04 -6.65
C GLU B 127 -45.33 9.53 -5.26
N LEU B 128 -44.35 9.89 -4.42
CA LEU B 128 -44.64 10.36 -3.08
C LEU B 128 -45.43 11.66 -3.05
N THR B 129 -45.36 12.47 -4.11
CA THR B 129 -46.14 13.70 -4.13
C THR B 129 -47.64 13.44 -4.25
N GLU B 130 -48.04 12.23 -4.64
CA GLU B 130 -49.45 11.87 -4.59
C GLU B 130 -49.94 11.65 -3.16
N ARG B 131 -49.02 11.40 -2.23
CA ARG B 131 -49.37 11.10 -0.85
C ARG B 131 -48.86 12.13 0.14
N PHE B 132 -47.88 12.95 -0.22
CA PHE B 132 -47.40 14.05 0.58
C PHE B 132 -47.43 15.32 -0.25
N GLU B 133 -47.76 16.44 0.40
CA GLU B 133 -47.78 17.71 -0.31
C GLU B 133 -46.38 18.16 -0.72
N ASP B 134 -45.37 17.88 0.10
CA ASP B 134 -44.02 18.41 -0.12
C ASP B 134 -42.98 17.33 0.13
N VAL B 135 -42.08 17.13 -0.84
CA VAL B 135 -41.02 16.15 -0.73
C VAL B 135 -39.69 16.86 -0.97
N TRP B 136 -38.78 16.78 0.00
CA TRP B 136 -37.41 17.27 -0.14
C TRP B 136 -36.49 16.07 -0.37
N VAL B 137 -35.54 16.23 -1.29
CA VAL B 137 -34.61 15.16 -1.65
C VAL B 137 -33.19 15.72 -1.69
N VAL B 138 -32.26 15.03 -1.04
CA VAL B 138 -30.84 15.30 -1.17
C VAL B 138 -30.18 14.08 -1.79
N SER B 139 -29.43 14.28 -2.87
CA SER B 139 -28.75 13.18 -3.54
C SER B 139 -27.30 13.59 -3.81
N GLY B 140 -26.42 12.60 -3.91
CA GLY B 140 -25.03 12.88 -4.18
C GLY B 140 -24.17 11.65 -4.34
N PRO B 141 -22.89 11.86 -4.65
CA PRO B 141 -21.97 10.74 -4.84
C PRO B 141 -21.23 10.36 -3.57
N LEU B 142 -20.72 9.13 -3.56
CA LEU B 142 -19.91 8.61 -2.46
C LEU B 142 -18.76 7.79 -3.04
N THR B 143 -17.62 7.84 -2.35
CA THR B 143 -16.47 6.97 -2.62
C THR B 143 -16.16 6.26 -1.30
N LEU B 144 -16.75 5.04 -1.14
CA LEU B 144 -16.72 4.26 0.09
C LEU B 144 -15.57 3.26 0.09
N PRO B 145 -15.01 2.95 1.26
CA PRO B 145 -13.86 2.05 1.31
C PRO B 145 -14.27 0.59 1.14
N GLN B 146 -13.29 -0.21 0.71
CA GLN B 146 -13.40 -1.65 0.63
C GLN B 146 -12.21 -2.28 1.35
N THR B 147 -12.38 -3.54 1.74
CA THR B 147 -11.31 -4.27 2.41
C THR B 147 -10.41 -4.93 1.37
N ARG B 148 -9.10 -4.72 1.52
CA ARG B 148 -8.11 -5.23 0.59
C ARG B 148 -7.69 -6.64 0.98
N GLY B 149 -6.96 -7.30 0.08
CA GLY B 149 -6.57 -8.69 0.29
C GLY B 149 -5.73 -8.90 1.55
N ASP B 150 -4.94 -7.90 1.94
CA ASP B 150 -4.16 -8.01 3.17
C ASP B 150 -4.95 -7.58 4.40
N GLY B 151 -6.20 -7.16 4.24
CA GLY B 151 -7.04 -6.80 5.36
C GLY B 151 -7.08 -5.33 5.71
N LYS B 152 -6.36 -4.48 4.97
CA LYS B 152 -6.43 -3.05 5.18
C LYS B 152 -7.57 -2.44 4.37
N LYS B 153 -8.08 -1.31 4.83
CA LYS B 153 -9.21 -0.66 4.19
C LYS B 153 -8.73 0.40 3.22
N ILE B 154 -9.34 0.46 2.04
CA ILE B 154 -8.86 1.27 0.94
C ILE B 154 -10.04 1.90 0.22
N VAL B 155 -9.96 3.20 -0.04
CA VAL B 155 -10.88 3.91 -0.92
C VAL B 155 -10.26 3.95 -2.30
N SER B 156 -11.01 3.47 -3.29
CA SER B 156 -10.51 3.38 -4.65
C SER B 156 -11.62 3.78 -5.61
N TYR B 157 -11.32 4.68 -6.54
CA TYR B 157 -12.33 5.07 -7.51
C TYR B 157 -11.65 5.53 -8.79
N GLN B 158 -12.35 5.35 -9.91
CA GLN B 158 -11.85 5.76 -11.20
C GLN B 158 -12.06 7.26 -11.40
N VAL B 159 -11.13 7.87 -12.12
CA VAL B 159 -11.32 9.23 -12.61
C VAL B 159 -11.22 9.18 -14.13
N ILE B 160 -12.01 10.02 -14.80
CA ILE B 160 -12.15 9.96 -16.25
C ILE B 160 -11.90 11.32 -16.87
N GLY B 161 -11.37 11.31 -18.09
CA GLY B 161 -11.15 12.52 -18.85
C GLY B 161 -9.89 13.26 -18.43
N GLU B 162 -9.60 14.32 -19.18
CA GLU B 162 -8.47 15.18 -18.86
C GLU B 162 -8.65 15.91 -17.53
N ASP B 163 -9.89 16.08 -17.08
CA ASP B 163 -10.17 16.79 -15.84
C ASP B 163 -10.28 15.85 -14.64
N ASN B 164 -10.12 14.55 -14.84
CA ASN B 164 -10.12 13.57 -13.75
C ASN B 164 -11.41 13.64 -12.95
N VAL B 165 -12.55 13.65 -13.65
CA VAL B 165 -13.84 13.61 -12.98
C VAL B 165 -13.96 12.31 -12.19
N ALA B 166 -14.29 12.42 -10.91
CA ALA B 166 -14.36 11.24 -10.04
C ALA B 166 -15.61 10.41 -10.33
N VAL B 167 -15.43 9.09 -10.41
CA VAL B 167 -16.52 8.15 -10.62
C VAL B 167 -16.89 7.56 -9.25
N PRO B 168 -18.05 7.89 -8.69
CA PRO B 168 -18.40 7.38 -7.37
C PRO B 168 -18.60 5.87 -7.38
N SER B 169 -18.36 5.27 -6.23
CA SER B 169 -18.67 3.86 -6.05
C SER B 169 -20.11 3.64 -5.64
N HIS B 170 -20.74 4.63 -5.01
CA HIS B 170 -22.13 4.52 -4.57
C HIS B 170 -22.80 5.88 -4.77
N LEU B 171 -24.13 5.86 -4.73
CA LEU B 171 -24.91 7.08 -4.72
C LEU B 171 -25.83 7.04 -3.50
N TYR B 172 -26.12 8.22 -2.93
CA TYR B 172 -27.04 8.30 -1.81
C TYR B 172 -28.23 9.15 -2.17
N LYS B 173 -29.34 8.90 -1.50
CA LYS B 173 -30.52 9.75 -1.59
C LYS B 173 -31.17 9.83 -0.22
N VAL B 174 -31.44 11.05 0.23
CA VAL B 174 -32.20 11.30 1.46
C VAL B 174 -33.54 11.88 1.06
N ILE B 175 -34.62 11.27 1.55
CA ILE B 175 -35.98 11.66 1.22
C ILE B 175 -36.66 12.16 2.50
N LEU B 176 -37.13 13.40 2.48
CA LEU B 176 -37.91 13.97 3.58
C LEU B 176 -39.26 14.39 3.03
N ALA B 177 -40.34 13.84 3.59
CA ALA B 177 -41.68 14.13 3.11
C ALA B 177 -42.57 14.64 4.24
N ARG B 178 -43.39 15.64 3.94
CA ARG B 178 -44.30 16.23 4.90
C ARG B 178 -45.72 16.08 4.36
N ARG B 179 -46.59 15.48 5.18
CA ARG B 179 -47.94 15.17 4.71
C ARG B 179 -48.65 16.42 4.20
N SER B 180 -48.74 17.45 5.04
CA SER B 180 -49.28 18.73 4.59
C SER B 180 -48.67 19.84 5.43
N SER B 181 -48.94 21.07 5.00
CA SER B 181 -48.43 22.23 5.72
C SER B 181 -49.01 22.32 7.13
N VAL B 182 -50.23 21.85 7.34
CA VAL B 182 -50.91 21.98 8.63
C VAL B 182 -51.20 20.62 9.27
N SER B 183 -50.74 19.52 8.68
CA SER B 183 -51.00 18.21 9.27
C SER B 183 -50.15 18.00 10.51
N THR B 184 -50.76 17.47 11.57
CA THR B 184 -50.05 17.14 12.79
C THR B 184 -49.29 15.82 12.70
N GLU B 185 -49.37 15.13 11.55
CA GLU B 185 -48.74 13.84 11.38
C GLU B 185 -47.22 13.98 11.45
N PRO B 186 -46.51 12.88 11.75
CA PRO B 186 -45.05 12.93 11.78
C PRO B 186 -44.46 13.04 10.38
N LEU B 187 -43.20 13.48 10.34
CA LEU B 187 -42.47 13.55 9.08
C LEU B 187 -41.92 12.18 8.72
N ALA B 188 -41.80 11.94 7.42
CA ALA B 188 -41.25 10.69 6.90
C ALA B 188 -39.85 10.96 6.36
N LEU B 189 -38.90 10.10 6.74
CA LEU B 189 -37.49 10.30 6.43
C LEU B 189 -36.86 8.97 6.09
N GLY B 190 -36.11 8.94 4.99
CA GLY B 190 -35.33 7.77 4.64
C GLY B 190 -34.00 8.13 4.02
N ALA B 191 -32.95 7.37 4.32
CA ALA B 191 -31.66 7.50 3.67
C ALA B 191 -31.28 6.18 3.02
N PHE B 192 -30.81 6.26 1.78
CA PHE B 192 -30.48 5.09 0.99
C PHE B 192 -29.11 5.28 0.34
N VAL B 193 -28.40 4.17 0.17
CA VAL B 193 -27.09 4.16 -0.49
C VAL B 193 -27.10 3.02 -1.48
N VAL B 194 -26.86 3.32 -2.75
CA VAL B 194 -27.00 2.38 -3.84
C VAL B 194 -25.66 2.30 -4.56
N PRO B 195 -25.14 1.10 -4.82
CA PRO B 195 -23.87 0.98 -5.55
C PRO B 195 -24.02 1.43 -6.99
N ASN B 196 -22.96 2.05 -7.52
CA ASN B 196 -22.99 2.63 -8.86
C ASN B 196 -22.75 1.51 -9.89
N GLU B 197 -23.75 0.65 -10.02
CA GLU B 197 -23.65 -0.52 -10.89
C GLU B 197 -25.05 -1.00 -11.24
N ALA B 198 -25.10 -1.92 -12.19
CA ALA B 198 -26.38 -2.49 -12.62
C ALA B 198 -27.05 -3.21 -11.46
N ILE B 199 -28.33 -2.93 -11.27
CA ILE B 199 -29.16 -3.54 -10.23
C ILE B 199 -30.52 -3.83 -10.85
N GLY B 200 -30.98 -5.06 -10.71
CA GLY B 200 -32.21 -5.50 -11.33
C GLY B 200 -33.45 -5.14 -10.54
N PHE B 201 -34.47 -6.00 -10.66
CA PHE B 201 -35.74 -5.80 -9.98
C PHE B 201 -35.89 -6.64 -8.72
N GLN B 202 -34.95 -7.54 -8.44
CA GLN B 202 -35.09 -8.37 -7.25
C GLN B 202 -34.80 -7.60 -5.96
N PRO B 203 -33.75 -6.78 -5.88
CA PRO B 203 -33.50 -6.04 -4.63
C PRO B 203 -34.57 -4.98 -4.38
N GLN B 204 -35.12 -4.99 -3.17
CA GLN B 204 -36.07 -3.97 -2.76
C GLN B 204 -35.32 -2.76 -2.18
N LEU B 205 -35.99 -1.61 -2.25
CA LEU B 205 -35.37 -0.35 -1.85
C LEU B 205 -34.91 -0.38 -0.39
N THR B 206 -35.69 -1.04 0.47
CA THR B 206 -35.33 -1.17 1.88
C THR B 206 -34.00 -1.89 2.08
N GLU B 207 -33.57 -2.68 1.09
CA GLU B 207 -32.27 -3.34 1.22
C GLU B 207 -31.12 -2.35 1.19
N PHE B 208 -31.29 -1.21 0.51
CA PHE B 208 -30.25 -0.19 0.43
C PHE B 208 -30.43 0.92 1.45
N GLN B 209 -31.36 0.77 2.39
CA GLN B 209 -31.58 1.80 3.40
C GLN B 209 -30.49 1.79 4.45
N VAL B 210 -30.17 2.98 4.95
CA VAL B 210 -29.20 3.17 6.04
C VAL B 210 -29.78 4.20 6.99
N SER B 211 -29.28 4.20 8.21
CA SER B 211 -29.69 5.25 9.13
C SER B 211 -29.07 6.58 8.70
N LEU B 212 -29.75 7.67 9.04
CA LEU B 212 -29.27 9.00 8.65
C LEU B 212 -27.93 9.28 9.30
N GLN B 213 -27.76 8.85 10.55
CA GLN B 213 -26.48 9.04 11.24
C GLN B 213 -25.36 8.31 10.53
N ASP B 214 -25.63 7.09 10.04
CA ASP B 214 -24.61 6.35 9.30
C ASP B 214 -24.18 7.09 8.04
N LEU B 215 -25.16 7.51 7.22
CA LEU B 215 -24.82 8.23 6.00
C LEU B 215 -24.04 9.50 6.29
N GLU B 216 -24.35 10.17 7.41
CA GLU B 216 -23.65 11.41 7.73
C GLU B 216 -22.18 11.13 8.05
N LYS B 217 -21.91 10.03 8.75
CA LYS B 217 -20.52 9.67 9.03
C LYS B 217 -19.78 9.24 7.77
N LEU B 218 -20.47 8.59 6.84
CA LEU B 218 -19.85 8.16 5.59
C LEU B 218 -19.60 9.33 4.65
N SER B 219 -20.51 10.31 4.63
CA SER B 219 -20.42 11.39 3.66
C SER B 219 -19.76 12.65 4.19
N GLY B 220 -19.57 12.77 5.51
CA GLY B 220 -19.03 14.00 6.08
C GLY B 220 -19.98 15.17 6.03
N LEU B 221 -21.26 14.94 5.81
CA LEU B 221 -22.27 15.99 5.75
C LEU B 221 -23.25 15.81 6.90
N VAL B 222 -23.98 16.87 7.20
CA VAL B 222 -25.17 16.76 8.04
C VAL B 222 -26.34 17.31 7.25
N PHE B 223 -27.37 16.48 7.07
CA PHE B 223 -28.52 16.81 6.26
C PHE B 223 -29.60 17.46 7.11
N PHE B 224 -30.35 18.36 6.48
CA PHE B 224 -31.50 19.05 7.07
C PHE B 224 -31.19 19.54 8.49
N PRO B 225 -30.20 20.41 8.66
CA PRO B 225 -29.76 20.77 10.00
C PRO B 225 -30.74 21.63 10.78
N HIS B 226 -31.74 22.23 10.12
CA HIS B 226 -32.76 22.95 10.87
C HIS B 226 -33.84 22.04 11.42
N LEU B 227 -33.87 20.78 10.99
CA LEU B 227 -34.93 19.87 11.38
C LEU B 227 -34.88 19.61 12.88
N ASP B 228 -36.05 19.70 13.52
CA ASP B 228 -36.14 19.48 14.95
C ASP B 228 -35.93 18.01 15.28
N ARG B 229 -34.99 17.73 16.18
CA ARG B 229 -34.65 16.36 16.55
C ARG B 229 -35.67 15.73 17.49
N THR B 230 -36.46 16.54 18.19
CA THR B 230 -37.55 16.02 19.00
C THR B 230 -38.88 16.08 18.27
N SER B 231 -38.90 16.57 17.03
CA SER B 231 -40.08 16.38 16.20
C SER B 231 -40.25 14.91 15.88
N ASP B 232 -41.49 14.45 15.87
CA ASP B 232 -41.75 13.06 15.53
C ASP B 232 -41.39 12.83 14.07
N ILE B 233 -40.42 11.97 13.84
CA ILE B 233 -39.95 11.63 12.49
C ILE B 233 -39.98 10.12 12.38
N ARG B 234 -40.77 9.61 11.45
CA ARG B 234 -40.88 8.18 11.27
C ARG B 234 -40.09 7.74 10.04
N ASN B 235 -39.62 6.51 10.09
CA ASN B 235 -39.06 5.85 8.93
C ASN B 235 -40.06 5.90 7.77
N ILE B 236 -39.60 6.37 6.62
CA ILE B 236 -40.47 6.44 5.45
C ILE B 236 -40.85 5.05 4.97
N CYS B 237 -40.07 4.03 5.34
CA CYS B 237 -40.40 2.65 5.01
C CYS B 237 -41.48 2.06 5.90
N SER B 238 -41.83 2.76 6.99
CA SER B 238 -42.90 2.33 7.89
C SER B 238 -44.22 3.05 7.64
N VAL B 239 -44.17 4.36 7.37
CA VAL B 239 -45.38 5.12 7.06
C VAL B 239 -45.70 5.10 5.57
N ASP B 240 -44.81 4.56 4.74
CA ASP B 240 -45.07 4.40 3.31
C ASP B 240 -44.45 3.08 2.87
N THR B 241 -44.58 2.77 1.58
CA THR B 241 -44.22 1.44 1.09
C THR B 241 -42.73 1.31 0.78
N CYS B 242 -42.14 2.33 0.17
CA CYS B 242 -40.82 2.25 -0.44
C CYS B 242 -40.74 1.06 -1.39
N LYS B 243 -41.80 0.90 -2.18
CA LYS B 243 -41.90 -0.16 -3.17
C LYS B 243 -41.65 0.44 -4.55
N LEU B 244 -40.60 0.00 -5.22
CA LEU B 244 -40.33 0.45 -6.57
C LEU B 244 -41.19 -0.34 -7.55
N LEU B 245 -41.34 0.22 -8.75
CA LEU B 245 -42.09 -0.46 -9.79
C LEU B 245 -41.38 -1.74 -10.23
N ASP B 246 -42.16 -2.79 -10.47
CA ASP B 246 -41.60 -4.02 -11.01
C ASP B 246 -41.45 -3.91 -12.52
N PHE B 247 -41.01 -5.00 -13.15
CA PHE B 247 -40.73 -4.96 -14.58
C PHE B 247 -41.99 -4.65 -15.39
N GLN B 248 -43.12 -5.25 -15.03
CA GLN B 248 -44.35 -5.00 -15.78
C GLN B 248 -44.81 -3.55 -15.62
N GLU B 249 -44.84 -3.05 -14.38
CA GLU B 249 -45.18 -1.64 -14.16
C GLU B 249 -44.19 -0.71 -14.86
N PHE B 250 -42.89 -1.01 -14.77
CA PHE B 250 -41.87 -0.13 -15.33
C PHE B 250 -41.92 -0.12 -16.85
N THR B 251 -41.98 -1.31 -17.47
CA THR B 251 -42.06 -1.38 -18.92
C THR B 251 -43.34 -0.74 -19.45
N LEU B 252 -44.44 -0.86 -18.68
CA LEU B 252 -45.70 -0.26 -19.09
C LEU B 252 -45.66 1.25 -18.97
N TYR B 253 -45.09 1.77 -17.86
CA TYR B 253 -44.98 3.21 -17.69
C TYR B 253 -44.09 3.84 -18.76
N LEU B 254 -42.97 3.18 -19.08
CA LEU B 254 -42.08 3.71 -20.11
C LEU B 254 -42.76 3.74 -21.47
N SER B 255 -43.48 2.68 -21.83
CA SER B 255 -44.15 2.64 -23.14
C SER B 255 -45.24 3.70 -23.23
N THR B 256 -45.96 3.96 -22.14
CA THR B 256 -46.91 5.07 -22.12
C THR B 256 -46.21 6.38 -22.43
N ARG B 257 -45.06 6.62 -21.78
CA ARG B 257 -44.29 7.84 -22.06
C ARG B 257 -43.92 7.92 -23.53
N LYS B 258 -43.55 6.80 -24.14
CA LYS B 258 -43.03 6.79 -25.51
C LYS B 258 -44.09 7.17 -26.55
N ILE B 259 -45.36 7.31 -26.15
CA ILE B 259 -46.40 7.60 -27.14
C ILE B 259 -46.25 9.02 -27.68
N GLU B 260 -45.57 9.91 -26.94
CA GLU B 260 -45.39 11.29 -27.40
C GLU B 260 -44.47 11.36 -28.61
N GLY B 261 -44.24 10.21 -29.28
CA GLY B 261 -43.39 10.15 -30.46
C GLY B 261 -44.10 10.58 -31.73
N ALA B 262 -43.29 10.76 -32.79
CA ALA B 262 -43.69 11.56 -33.94
C ALA B 262 -44.35 10.78 -35.07
N ARG B 263 -43.91 9.56 -35.38
CA ARG B 263 -44.47 8.87 -36.54
C ARG B 263 -45.40 7.75 -36.09
N SER B 264 -45.64 6.78 -36.98
CA SER B 264 -46.40 5.57 -36.69
C SER B 264 -45.48 4.40 -36.39
N VAL B 265 -44.48 4.65 -35.53
CA VAL B 265 -43.58 3.61 -35.05
C VAL B 265 -44.19 3.08 -33.76
N LEU B 266 -45.44 3.46 -33.51
CA LEU B 266 -46.14 3.03 -32.32
C LEU B 266 -46.34 1.52 -32.32
N ARG B 267 -46.54 0.94 -33.50
CA ARG B 267 -46.69 -0.51 -33.60
C ARG B 267 -45.41 -1.23 -33.19
N LEU B 268 -44.26 -0.73 -33.65
CA LEU B 268 -42.99 -1.25 -33.15
C LEU B 268 -42.90 -1.09 -31.65
N GLU B 269 -43.34 0.06 -31.13
CA GLU B 269 -43.48 0.25 -29.70
C GLU B 269 -44.52 -0.71 -29.13
N LYS B 270 -45.57 -1.01 -29.90
CA LYS B 270 -46.60 -1.95 -29.46
C LYS B 270 -46.12 -3.40 -29.56
N ILE B 271 -45.28 -3.71 -30.55
CA ILE B 271 -44.72 -5.05 -30.65
C ILE B 271 -43.77 -5.33 -29.49
N MET B 272 -43.09 -4.30 -28.99
CA MET B 272 -42.21 -4.49 -27.84
C MET B 272 -43.00 -4.84 -26.59
N GLU B 273 -44.25 -4.40 -26.50
CA GLU B 273 -45.05 -4.67 -25.30
C GLU B 273 -45.48 -6.14 -25.25
N ASN B 274 -45.89 -6.71 -26.38
CA ASN B 274 -46.22 -8.12 -26.41
C ASN B 274 -44.97 -8.99 -26.56
N LEU B 275 -43.84 -8.40 -26.94
CA LEU B 275 -42.58 -9.13 -26.94
C LEU B 275 -42.17 -9.50 -25.52
N LYS B 276 -42.26 -8.54 -24.60
CA LYS B 276 -42.06 -8.81 -23.19
C LYS B 276 -43.32 -9.33 -22.50
N ASN B 277 -44.41 -9.50 -23.25
CA ASN B 277 -45.65 -10.11 -22.76
C ASN B 277 -46.28 -9.31 -21.62
N ALA B 278 -46.25 -8.00 -21.73
CA ALA B 278 -47.00 -7.15 -20.81
C ALA B 278 -48.46 -7.11 -21.22
N GLU B 279 -49.33 -6.93 -20.22
CA GLU B 279 -50.76 -7.03 -20.44
C GLU B 279 -51.28 -5.78 -21.15
N ILE B 280 -52.57 -5.80 -21.46
CA ILE B 280 -53.24 -4.70 -22.15
C ILE B 280 -53.80 -3.72 -21.12
N GLU B 281 -52.93 -2.89 -20.55
CA GLU B 281 -53.38 -1.80 -19.70
C GLU B 281 -54.28 -0.87 -20.50
N PRO B 282 -55.21 -0.15 -19.84
CA PRO B 282 -56.02 0.87 -20.54
C PRO B 282 -55.26 1.60 -21.63
N ASP B 283 -54.26 2.39 -21.24
CA ASP B 283 -53.32 2.99 -22.20
C ASP B 283 -54.06 3.75 -23.30
N ASP B 284 -55.18 4.39 -22.93
CA ASP B 284 -56.04 5.07 -23.89
C ASP B 284 -55.35 6.28 -24.52
N TYR B 285 -54.14 6.58 -24.07
CA TYR B 285 -53.34 7.63 -24.70
C TYR B 285 -53.06 7.31 -26.15
N PHE B 286 -53.20 6.06 -26.56
CA PHE B 286 -53.08 5.70 -27.98
C PHE B 286 -54.07 6.48 -28.83
N MET B 287 -55.31 6.61 -28.36
CA MET B 287 -56.32 7.35 -29.11
C MET B 287 -56.24 8.84 -28.83
N SER B 288 -55.98 9.22 -27.58
CA SER B 288 -55.76 10.63 -27.27
C SER B 288 -54.55 11.19 -28.00
N ARG B 289 -53.68 10.32 -28.50
CA ARG B 289 -52.57 10.78 -29.33
C ARG B 289 -53.01 10.99 -30.77
N TYR B 290 -53.81 10.08 -31.33
CA TYR B 290 -54.20 10.21 -32.72
C TYR B 290 -55.60 10.76 -32.93
N GLU B 291 -56.51 10.61 -31.97
CA GLU B 291 -57.84 11.20 -32.11
C GLU B 291 -57.89 12.57 -31.43
N ALA G 3 0.20 -44.41 0.99
CA ALA G 3 -0.25 -43.42 1.97
C ALA G 3 0.92 -42.74 2.65
N VAL G 4 2.10 -42.81 2.04
CA VAL G 4 3.27 -42.20 2.65
C VAL G 4 3.21 -40.69 2.54
N LEU G 5 4.02 -40.02 3.36
CA LEU G 5 4.05 -38.56 3.36
C LEU G 5 4.44 -38.00 2.00
N GLU G 6 5.43 -38.60 1.34
CA GLU G 6 5.96 -38.10 0.08
C GLU G 6 5.30 -38.77 -1.13
N GLN G 7 4.08 -39.30 -0.96
CA GLN G 7 3.35 -39.96 -2.04
C GLN G 7 3.37 -39.17 -3.34
N PHE G 8 3.09 -37.87 -3.25
CA PHE G 8 3.06 -37.00 -4.43
C PHE G 8 4.26 -36.07 -4.49
N GLY G 9 5.30 -36.35 -3.71
CA GLY G 9 6.53 -35.58 -3.75
C GLY G 9 6.49 -34.35 -2.87
N PHE G 10 7.71 -33.92 -2.48
CA PHE G 10 7.91 -32.68 -1.75
C PHE G 10 7.76 -31.48 -2.69
N PRO G 11 7.30 -30.34 -2.18
CA PRO G 11 7.29 -29.14 -3.01
C PRO G 11 8.71 -28.72 -3.37
N LEU G 12 8.87 -28.21 -4.58
CA LEU G 12 10.16 -27.80 -5.08
C LEU G 12 10.35 -26.30 -4.88
N THR G 13 11.54 -25.93 -4.41
CA THR G 13 11.92 -24.53 -4.24
C THR G 13 12.79 -24.02 -5.39
N GLY G 14 13.39 -24.91 -6.18
CA GLY G 14 14.17 -24.49 -7.33
C GLY G 14 15.44 -23.74 -7.01
N THR G 15 16.09 -24.07 -5.89
CA THR G 15 17.24 -23.32 -5.40
C THR G 15 18.58 -23.96 -5.77
N GLU G 16 18.56 -25.08 -6.46
CA GLU G 16 19.79 -25.80 -6.79
C GLU G 16 20.73 -24.92 -7.61
N ALA G 17 22.02 -25.22 -7.51
CA ALA G 17 23.03 -24.44 -8.23
C ALA G 17 22.89 -24.69 -9.72
N ARG G 18 23.02 -23.62 -10.49
CA ARG G 18 22.96 -23.67 -11.94
C ARG G 18 24.30 -23.19 -12.49
N CYS G 19 24.98 -24.05 -13.25
CA CYS G 19 26.32 -23.79 -13.71
C CYS G 19 26.33 -23.25 -15.13
N TYR G 20 27.11 -22.21 -15.34
CA TYR G 20 27.29 -21.66 -16.69
C TYR G 20 28.78 -21.66 -17.01
N THR G 21 29.16 -21.06 -18.14
CA THR G 21 30.54 -21.19 -18.61
C THR G 21 31.54 -20.65 -17.60
N ASN G 22 31.27 -19.47 -17.03
CA ASN G 22 32.21 -18.87 -16.07
C ASN G 22 31.48 -18.26 -14.89
N HIS G 23 30.26 -18.69 -14.60
CA HIS G 23 29.63 -18.31 -13.34
C HIS G 23 28.61 -19.38 -12.98
N ALA G 24 28.28 -19.41 -11.70
CA ALA G 24 27.23 -20.26 -11.18
C ALA G 24 26.28 -19.39 -10.36
N LEU G 25 25.02 -19.83 -10.25
CA LEU G 25 24.03 -19.06 -9.51
C LEU G 25 22.97 -19.98 -8.94
N SER G 26 22.31 -19.49 -7.90
CA SER G 26 21.08 -20.05 -7.38
C SER G 26 19.99 -19.01 -7.56
N TYR G 27 18.87 -19.42 -8.15
CA TYR G 27 17.82 -18.49 -8.54
C TYR G 27 16.71 -18.51 -7.50
N ASP G 28 16.16 -17.32 -7.21
CA ASP G 28 15.03 -17.17 -6.31
C ASP G 28 13.78 -17.01 -7.16
N GLN G 29 12.92 -18.03 -7.14
CA GLN G 29 11.73 -18.06 -8.00
C GLN G 29 10.63 -17.13 -7.51
N ALA G 30 10.54 -16.88 -6.20
CA ALA G 30 9.56 -15.93 -5.71
C ALA G 30 9.92 -14.50 -6.09
N LYS G 31 11.21 -14.14 -6.05
CA LYS G 31 11.64 -12.78 -6.28
C LYS G 31 12.07 -12.51 -7.72
N ARG G 32 12.27 -13.54 -8.53
CA ARG G 32 12.63 -13.42 -9.94
C ARG G 32 14.03 -12.83 -10.12
N VAL G 33 14.91 -13.10 -9.17
CA VAL G 33 16.30 -12.65 -9.18
C VAL G 33 17.18 -13.77 -8.65
N PRO G 34 18.49 -13.72 -8.94
CA PRO G 34 19.39 -14.69 -8.31
C PRO G 34 19.50 -14.45 -6.81
N ARG G 35 19.77 -15.51 -6.06
CA ARG G 35 20.09 -15.40 -4.64
C ARG G 35 21.58 -15.14 -4.42
N TRP G 36 22.41 -15.80 -5.20
CA TRP G 36 23.85 -15.56 -5.21
C TRP G 36 24.33 -15.92 -6.61
N VAL G 37 25.38 -15.25 -7.03
CA VAL G 37 26.08 -15.56 -8.27
C VAL G 37 27.56 -15.67 -7.93
N LEU G 38 28.16 -16.79 -8.26
CA LEU G 38 29.55 -17.07 -7.96
C LEU G 38 30.35 -17.02 -9.26
N GLU G 39 31.49 -16.33 -9.22
CA GLU G 39 32.36 -16.24 -10.38
C GLU G 39 33.81 -16.31 -9.92
N HIS G 40 34.66 -16.73 -10.84
CA HIS G 40 36.09 -16.76 -10.63
C HIS G 40 36.74 -15.95 -11.75
N ILE G 41 37.73 -15.13 -11.39
CA ILE G 41 38.41 -14.29 -12.38
C ILE G 41 39.91 -14.41 -12.20
N SER G 42 40.62 -14.33 -13.33
CA SER G 42 42.07 -14.30 -13.38
C SER G 42 42.47 -13.31 -14.48
N LYS G 43 43.78 -13.10 -14.62
CA LYS G 43 44.30 -12.19 -15.64
C LYS G 43 43.80 -12.57 -17.03
N SER G 44 43.86 -13.86 -17.37
CA SER G 44 43.53 -14.28 -18.73
C SER G 44 42.04 -14.12 -19.04
N LYS G 45 41.17 -14.28 -18.05
CA LYS G 45 39.74 -14.25 -18.33
C LYS G 45 39.24 -12.86 -18.68
N ILE G 46 39.87 -11.82 -18.14
CA ILE G 46 39.42 -10.46 -18.39
C ILE G 46 40.13 -9.91 -19.63
N MET G 47 40.64 -10.81 -20.47
CA MET G 47 41.28 -10.44 -21.72
C MET G 47 40.64 -11.22 -22.85
N GLY G 48 40.42 -10.57 -23.99
CA GLY G 48 39.86 -11.24 -25.14
C GLY G 48 38.98 -10.32 -25.96
N ASP G 49 38.39 -10.87 -27.03
CA ASP G 49 37.70 -10.06 -28.03
C ASP G 49 36.18 -10.10 -27.90
N ALA G 50 35.63 -10.68 -26.83
CA ALA G 50 34.18 -10.74 -26.68
C ALA G 50 33.63 -9.34 -26.46
N ASP G 51 32.53 -9.04 -27.13
CA ASP G 51 31.98 -7.69 -27.16
C ASP G 51 30.51 -7.72 -26.75
N ARG G 52 30.15 -6.90 -25.75
CA ARG G 52 28.78 -6.90 -25.24
C ARG G 52 27.80 -6.21 -26.18
N LYS G 53 28.27 -5.58 -27.26
CA LYS G 53 27.36 -4.97 -28.23
C LYS G 53 26.59 -6.02 -29.02
N HIS G 54 27.09 -7.24 -29.08
CA HIS G 54 26.41 -8.33 -29.77
C HIS G 54 25.59 -9.19 -28.81
N CYS G 55 25.43 -8.74 -27.57
CA CYS G 55 24.66 -9.45 -26.57
C CYS G 55 23.31 -8.76 -26.34
N LYS G 56 22.36 -9.53 -25.83
CA LYS G 56 21.02 -9.04 -25.54
C LYS G 56 20.56 -9.60 -24.20
N PHE G 57 20.04 -8.73 -23.33
CA PHE G 57 19.32 -9.22 -22.17
C PHE G 57 18.15 -10.08 -22.61
N LYS G 58 17.99 -11.24 -22.00
CA LYS G 58 16.95 -12.17 -22.38
C LYS G 58 16.65 -13.09 -21.20
N PRO G 59 15.45 -13.66 -21.14
CA PRO G 59 15.15 -14.64 -20.08
C PRO G 59 16.01 -15.89 -20.22
N ASP G 60 16.37 -16.45 -19.08
CA ASP G 60 17.17 -17.67 -19.05
C ASP G 60 16.32 -18.84 -19.51
N PRO G 61 16.65 -19.50 -20.62
CA PRO G 61 15.82 -20.62 -21.08
C PRO G 61 15.73 -21.77 -20.10
N ASN G 62 16.73 -21.94 -19.23
CA ASN G 62 16.67 -23.00 -18.24
C ASN G 62 15.73 -22.69 -17.07
N ILE G 63 15.22 -21.48 -16.97
CA ILE G 63 14.32 -21.14 -15.87
C ILE G 63 12.89 -21.44 -16.32
N PRO G 64 12.07 -22.08 -15.50
CA PRO G 64 10.65 -22.23 -15.84
C PRO G 64 10.02 -20.88 -16.12
N PRO G 65 9.32 -20.73 -17.25
CA PRO G 65 8.82 -19.40 -17.63
C PRO G 65 7.97 -18.73 -16.56
N THR G 66 7.21 -19.50 -15.78
CA THR G 66 6.38 -18.93 -14.72
C THR G 66 7.21 -18.19 -13.67
N PHE G 67 8.48 -18.55 -13.50
CA PHE G 67 9.34 -17.95 -12.48
C PHE G 67 10.43 -17.06 -13.08
N SER G 68 10.41 -16.84 -14.39
CA SER G 68 11.44 -16.04 -15.04
C SER G 68 11.00 -14.59 -15.14
N ALA G 69 11.97 -13.68 -15.01
CA ALA G 69 11.71 -12.30 -15.36
C ALA G 69 11.71 -12.15 -16.88
N PHE G 70 11.26 -10.98 -17.33
CA PHE G 70 11.19 -10.64 -18.73
C PHE G 70 11.58 -9.18 -18.89
N ASN G 71 12.11 -8.84 -20.06
CA ASN G 71 12.58 -7.48 -20.30
C ASN G 71 11.48 -6.45 -20.06
N GLU G 72 10.23 -6.83 -20.27
CA GLU G 72 9.11 -5.92 -20.04
C GLU G 72 8.95 -5.56 -18.57
N ASP G 73 9.43 -6.43 -17.67
CA ASP G 73 9.43 -6.06 -16.26
C ASP G 73 10.35 -4.89 -15.98
N TYR G 74 11.49 -4.84 -16.67
CA TYR G 74 12.54 -3.84 -16.45
C TYR G 74 12.34 -2.59 -17.29
N VAL G 75 11.94 -2.73 -18.55
CA VAL G 75 11.87 -1.59 -19.46
C VAL G 75 10.80 -0.61 -18.96
N GLY G 76 11.21 0.63 -18.74
CA GLY G 76 10.28 1.66 -18.29
C GLY G 76 9.94 1.62 -16.81
N SER G 77 10.76 0.95 -16.00
CA SER G 77 10.51 0.80 -14.58
C SER G 77 11.19 1.86 -13.72
N GLY G 78 12.10 2.63 -14.28
CA GLY G 78 12.97 3.48 -13.48
C GLY G 78 14.14 2.76 -12.88
N TRP G 79 14.33 1.47 -13.17
CA TRP G 79 15.45 0.70 -12.65
C TRP G 79 16.19 0.08 -13.83
N SER G 80 17.50 -0.06 -13.67
CA SER G 80 18.31 -0.65 -14.72
C SER G 80 18.43 -2.16 -14.51
N ARG G 81 18.77 -2.86 -15.58
CA ARG G 81 19.14 -4.27 -15.51
C ARG G 81 20.56 -4.37 -14.99
N GLY G 82 20.74 -4.84 -13.77
CA GLY G 82 22.06 -4.93 -13.19
C GLY G 82 22.60 -6.34 -13.12
N HIS G 83 23.70 -6.60 -13.82
CA HIS G 83 24.30 -7.93 -13.83
C HIS G 83 25.07 -8.16 -12.54
N MET G 84 25.00 -9.38 -12.04
CA MET G 84 25.77 -9.76 -10.85
C MET G 84 27.15 -10.28 -11.24
N ALA G 85 27.20 -11.28 -12.11
CA ALA G 85 28.43 -11.62 -12.81
C ALA G 85 28.59 -10.67 -13.98
N PRO G 86 29.55 -9.75 -13.95
CA PRO G 86 29.62 -8.73 -14.99
C PRO G 86 30.17 -9.27 -16.30
N ALA G 87 29.67 -8.68 -17.40
CA ALA G 87 30.21 -9.00 -18.72
C ALA G 87 31.71 -8.71 -18.79
N GLY G 88 32.16 -7.65 -18.12
CA GLY G 88 33.57 -7.28 -18.13
C GLY G 88 34.50 -8.35 -17.60
N ASN G 89 33.99 -9.38 -16.93
CA ASN G 89 34.82 -10.46 -16.42
C ASN G 89 34.94 -11.63 -17.39
N ASN G 90 34.35 -11.53 -18.57
CA ASN G 90 34.27 -12.66 -19.49
C ASN G 90 34.64 -12.25 -20.91
N LYS G 91 35.59 -11.31 -21.05
CA LYS G 91 36.06 -10.94 -22.37
C LYS G 91 36.73 -12.10 -23.10
N PHE G 92 37.15 -13.14 -22.38
CA PHE G 92 37.83 -14.27 -23.00
C PHE G 92 36.90 -15.20 -23.77
N SER G 93 35.59 -15.16 -23.51
CA SER G 93 34.66 -16.12 -24.09
C SER G 93 33.39 -15.41 -24.51
N SER G 94 33.03 -15.53 -25.79
CA SER G 94 31.79 -14.94 -26.28
C SER G 94 30.58 -15.63 -25.65
N LYS G 95 30.67 -16.93 -25.39
CA LYS G 95 29.57 -17.65 -24.77
C LYS G 95 29.42 -17.27 -23.30
N ALA G 96 30.53 -17.23 -22.56
CA ALA G 96 30.48 -16.84 -21.16
C ALA G 96 29.86 -15.47 -20.98
N MET G 97 30.27 -14.50 -21.81
CA MET G 97 29.73 -13.15 -21.71
C MET G 97 28.23 -13.14 -22.01
N ALA G 98 27.83 -13.78 -23.10
CA ALA G 98 26.41 -13.78 -23.46
C ALA G 98 25.54 -14.40 -22.38
N GLU G 99 26.06 -15.41 -21.66
CA GLU G 99 25.28 -16.01 -20.59
C GLU G 99 25.08 -15.08 -19.40
N THR G 100 25.94 -14.09 -19.22
CA THR G 100 25.71 -13.11 -18.16
C THR G 100 24.55 -12.17 -18.47
N PHE G 101 24.08 -12.13 -19.71
CA PHE G 101 22.91 -11.36 -20.08
C PHE G 101 21.60 -12.13 -19.91
N TYR G 102 21.64 -13.36 -19.42
CA TYR G 102 20.42 -14.01 -18.96
C TYR G 102 19.86 -13.24 -17.76
N LEU G 103 18.53 -13.10 -17.72
CA LEU G 103 17.92 -12.36 -16.62
C LEU G 103 18.04 -13.07 -15.29
N SER G 104 18.50 -14.33 -15.27
CA SER G 104 18.82 -15.01 -14.02
C SER G 104 20.07 -14.44 -13.34
N ASN G 105 20.85 -13.63 -14.05
CA ASN G 105 22.02 -12.96 -13.51
C ASN G 105 21.74 -11.49 -13.17
N ILE G 106 20.51 -11.03 -13.33
CA ILE G 106 20.17 -9.61 -13.35
C ILE G 106 19.31 -9.29 -12.15
N VAL G 107 19.56 -8.12 -11.54
CA VAL G 107 18.66 -7.60 -10.51
C VAL G 107 18.31 -6.16 -10.86
N PRO G 108 17.15 -5.65 -10.45
CA PRO G 108 16.83 -4.23 -10.64
C PRO G 108 17.82 -3.36 -9.87
N GLN G 109 18.59 -2.57 -10.60
CA GLN G 109 19.65 -1.76 -10.02
C GLN G 109 19.45 -0.29 -10.36
N ASP G 110 19.70 0.58 -9.38
CA ASP G 110 19.76 2.00 -9.62
C ASP G 110 20.77 2.32 -10.72
N PHE G 111 20.35 3.11 -11.71
CA PHE G 111 21.17 3.35 -12.89
C PHE G 111 22.52 3.99 -12.53
N ASP G 112 22.51 5.01 -11.67
CA ASP G 112 23.77 5.66 -11.35
C ASP G 112 24.66 4.76 -10.50
N ASN G 113 24.04 3.91 -9.67
CA ASN G 113 24.81 2.94 -8.89
C ASN G 113 25.51 1.94 -9.80
N ASN G 114 24.80 1.40 -10.81
CA ASN G 114 25.40 0.34 -11.60
C ASN G 114 26.49 0.86 -12.52
N SER G 115 26.29 2.04 -13.11
CA SER G 115 27.33 2.62 -13.95
C SER G 115 28.44 3.27 -13.13
N GLY G 116 28.18 3.55 -11.85
CA GLY G 116 29.16 4.23 -11.02
C GLY G 116 29.79 3.39 -9.94
N TYR G 117 29.29 3.51 -8.70
CA TYR G 117 29.99 2.94 -7.56
C TYR G 117 30.15 1.43 -7.69
N TRP G 118 29.07 0.73 -8.05
CA TRP G 118 29.15 -0.72 -8.24
C TRP G 118 30.05 -1.06 -9.42
N ASN G 119 30.03 -0.23 -10.46
CA ASN G 119 30.93 -0.43 -11.59
C ASN G 119 32.39 -0.36 -11.14
N ARG G 120 32.72 0.56 -10.23
CA ARG G 120 34.08 0.67 -9.75
C ARG G 120 34.46 -0.43 -8.78
N ILE G 121 33.49 -1.05 -8.10
CA ILE G 121 33.79 -2.23 -7.29
C ILE G 121 34.16 -3.40 -8.19
N GLU G 122 33.42 -3.57 -9.30
CA GLU G 122 33.76 -4.60 -10.27
C GLU G 122 35.14 -4.35 -10.88
N MET G 123 35.50 -3.08 -11.10
CA MET G 123 36.81 -2.77 -11.63
C MET G 123 37.91 -3.10 -10.62
N TYR G 124 37.66 -2.83 -9.34
CA TYR G 124 38.62 -3.21 -8.31
C TYR G 124 38.82 -4.72 -8.27
N CYS G 125 37.72 -5.48 -8.40
CA CYS G 125 37.86 -6.94 -8.42
C CYS G 125 38.75 -7.39 -9.56
N ARG G 126 38.62 -6.76 -10.73
CA ARG G 126 39.49 -7.08 -11.85
C ARG G 126 40.92 -6.64 -11.59
N GLU G 127 41.08 -5.47 -10.96
CA GLU G 127 42.43 -5.00 -10.62
C GLU G 127 43.12 -5.98 -9.68
N LEU G 128 42.37 -6.66 -8.82
CA LEU G 128 42.94 -7.67 -7.93
C LEU G 128 43.64 -8.79 -8.68
N THR G 129 43.23 -9.09 -9.91
CA THR G 129 43.91 -10.13 -10.69
C THR G 129 45.33 -9.72 -11.08
N GLU G 130 45.70 -8.45 -10.93
CA GLU G 130 47.09 -8.06 -11.14
C GLU G 130 47.98 -8.44 -9.97
N ARG G 131 47.39 -8.64 -8.78
CA ARG G 131 48.14 -8.92 -7.57
C ARG G 131 47.83 -10.29 -6.97
N PHE G 132 46.76 -10.95 -7.41
CA PHE G 132 46.42 -12.29 -6.96
C PHE G 132 46.17 -13.15 -8.19
N GLU G 133 46.70 -14.38 -8.16
CA GLU G 133 46.51 -15.31 -9.27
C GLU G 133 45.03 -15.65 -9.49
N ASP G 134 44.28 -15.84 -8.39
CA ASP G 134 42.90 -16.27 -8.47
C ASP G 134 42.03 -15.42 -7.56
N VAL G 135 40.88 -14.98 -8.06
CA VAL G 135 39.92 -14.21 -7.29
C VAL G 135 38.54 -14.84 -7.47
N TRP G 136 37.89 -15.16 -6.36
CA TRP G 136 36.52 -15.64 -6.34
C TRP G 136 35.62 -14.53 -5.81
N VAL G 137 34.44 -14.39 -6.42
CA VAL G 137 33.50 -13.32 -6.07
C VAL G 137 32.10 -13.88 -6.03
N VAL G 138 31.38 -13.63 -4.93
CA VAL G 138 29.97 -13.94 -4.80
C VAL G 138 29.21 -12.64 -4.63
N SER G 139 28.21 -12.40 -5.48
CA SER G 139 27.43 -11.19 -5.44
C SER G 139 25.95 -11.54 -5.50
N GLY G 140 25.12 -10.69 -4.90
CA GLY G 140 23.69 -10.90 -4.94
C GLY G 140 22.89 -9.79 -4.29
N PRO G 141 21.57 -9.91 -4.32
CA PRO G 141 20.70 -8.90 -3.73
C PRO G 141 20.36 -9.16 -2.27
N LEU G 142 19.94 -8.10 -1.60
CA LEU G 142 19.47 -8.15 -0.22
C LEU G 142 18.29 -7.22 -0.05
N THR G 143 17.36 -7.61 0.81
CA THR G 143 16.25 -6.75 1.24
C THR G 143 16.32 -6.63 2.76
N LEU G 144 16.92 -5.57 3.23
CA LEU G 144 17.26 -5.45 4.62
C LEU G 144 16.22 -4.62 5.38
N PRO G 145 16.01 -4.91 6.66
CA PRO G 145 15.04 -4.13 7.44
C PRO G 145 15.59 -2.77 7.85
N GLN G 146 14.66 -1.87 8.12
CA GLN G 146 14.96 -0.56 8.68
C GLN G 146 14.04 -0.33 9.86
N THR G 147 14.56 0.37 10.88
CA THR G 147 13.78 0.63 12.08
C THR G 147 12.87 1.83 11.85
N ARG G 148 11.56 1.59 11.89
CA ARG G 148 10.56 2.61 11.65
C ARG G 148 10.31 3.41 12.93
N GLY G 149 9.63 4.54 12.77
CA GLY G 149 9.45 5.48 13.88
C GLY G 149 8.65 4.93 15.04
N ASP G 150 7.82 3.92 14.81
CA ASP G 150 7.08 3.29 15.90
C ASP G 150 7.87 2.18 16.58
N GLY G 151 9.17 2.08 16.32
CA GLY G 151 10.02 1.08 16.94
C GLY G 151 10.07 -0.25 16.24
N LYS G 152 9.16 -0.53 15.32
CA LYS G 152 9.13 -1.82 14.64
C LYS G 152 10.14 -1.85 13.50
N LYS G 153 10.69 -3.05 13.27
CA LYS G 153 11.62 -3.28 12.16
C LYS G 153 10.85 -3.81 10.97
N ILE G 154 11.04 -3.19 9.81
CA ILE G 154 10.22 -3.41 8.63
C ILE G 154 11.11 -3.65 7.44
N VAL G 155 10.85 -4.73 6.71
CA VAL G 155 11.49 -4.99 5.42
C VAL G 155 10.53 -4.48 4.34
N SER G 156 10.99 -3.55 3.52
CA SER G 156 10.18 -2.99 2.44
C SER G 156 11.03 -2.93 1.18
N TYR G 157 10.45 -3.36 0.06
CA TYR G 157 11.13 -3.24 -1.22
C TYR G 157 10.08 -3.17 -2.32
N GLN G 158 10.45 -2.53 -3.42
CA GLN G 158 9.56 -2.45 -4.56
C GLN G 158 9.62 -3.71 -5.39
N VAL G 159 8.50 -4.04 -6.03
CA VAL G 159 8.44 -5.05 -7.08
C VAL G 159 7.95 -4.38 -8.36
N ILE G 160 8.53 -4.77 -9.50
CA ILE G 160 8.28 -4.10 -10.77
C ILE G 160 7.84 -5.10 -11.82
N GLY G 161 7.07 -4.62 -12.79
CA GLY G 161 6.62 -5.44 -13.89
C GLY G 161 5.46 -6.35 -13.52
N GLU G 162 4.86 -6.93 -14.55
CA GLU G 162 3.80 -7.91 -14.35
C GLU G 162 4.27 -9.09 -13.51
N ASP G 163 5.56 -9.39 -13.55
CA ASP G 163 6.12 -10.53 -12.85
C ASP G 163 6.58 -10.20 -11.44
N ASN G 164 6.46 -8.95 -11.01
CA ASN G 164 6.78 -8.54 -9.64
C ASN G 164 8.24 -8.85 -9.29
N VAL G 165 9.15 -8.37 -10.14
CA VAL G 165 10.58 -8.55 -9.87
C VAL G 165 10.97 -7.72 -8.66
N ALA G 166 11.64 -8.36 -7.69
CA ALA G 166 12.02 -7.68 -6.45
C ALA G 166 13.21 -6.76 -6.67
N VAL G 167 13.07 -5.51 -6.27
CA VAL G 167 14.15 -4.53 -6.31
C VAL G 167 14.89 -4.59 -4.97
N PRO G 168 16.17 -4.94 -4.95
CA PRO G 168 16.88 -5.04 -3.68
C PRO G 168 17.15 -3.66 -3.08
N SER G 169 17.14 -3.62 -1.74
CA SER G 169 17.55 -2.39 -1.06
C SER G 169 19.07 -2.27 -1.04
N HIS G 170 19.78 -3.39 -1.01
CA HIS G 170 21.24 -3.40 -0.98
C HIS G 170 21.77 -4.51 -1.87
N LEU G 171 23.05 -4.38 -2.23
CA LEU G 171 23.78 -5.43 -2.92
C LEU G 171 24.99 -5.83 -2.08
N TYR G 172 25.32 -7.12 -2.08
CA TYR G 172 26.51 -7.59 -1.41
C TYR G 172 27.52 -8.10 -2.43
N LYS G 173 28.78 -8.10 -2.01
CA LYS G 173 29.83 -8.76 -2.75
C LYS G 173 30.80 -9.37 -1.75
N VAL G 174 31.16 -10.63 -1.95
CA VAL G 174 32.16 -11.32 -1.14
C VAL G 174 33.34 -11.63 -2.05
N ILE G 175 34.54 -11.20 -1.64
CA ILE G 175 35.75 -11.36 -2.44
C ILE G 175 36.69 -12.31 -1.70
N LEU G 176 37.13 -13.35 -2.39
CA LEU G 176 38.16 -14.26 -1.89
C LEU G 176 39.28 -14.33 -2.92
N ALA G 177 40.51 -14.06 -2.50
CA ALA G 177 41.65 -13.97 -3.42
C ALA G 177 42.80 -14.80 -2.90
N ARG G 178 43.36 -15.65 -3.76
CA ARG G 178 44.52 -16.46 -3.43
C ARG G 178 45.73 -15.95 -4.21
N ARG G 179 46.82 -15.71 -3.47
CA ARG G 179 48.02 -15.14 -4.11
C ARG G 179 48.50 -16.03 -5.23
N SER G 180 48.68 -17.32 -4.95
CA SER G 180 49.03 -18.28 -5.99
C SER G 180 48.68 -19.67 -5.50
N SER G 181 48.68 -20.63 -6.43
CA SER G 181 48.36 -22.01 -6.07
C SER G 181 49.51 -22.72 -5.37
N VAL G 182 50.68 -22.10 -5.30
CA VAL G 182 51.80 -22.69 -4.58
C VAL G 182 52.23 -21.87 -3.37
N SER G 183 51.79 -20.62 -3.23
CA SER G 183 52.22 -19.79 -2.11
C SER G 183 51.52 -20.20 -0.83
N THR G 184 52.27 -20.25 0.27
CA THR G 184 51.71 -20.47 1.60
C THR G 184 51.26 -19.17 2.25
N GLU G 185 51.10 -18.10 1.46
CA GLU G 185 50.55 -16.86 1.98
C GLU G 185 49.08 -17.06 2.38
N PRO G 186 48.62 -16.33 3.38
CA PRO G 186 47.19 -16.38 3.73
C PRO G 186 46.30 -15.88 2.61
N LEU G 187 45.06 -16.35 2.64
CA LEU G 187 44.04 -15.88 1.71
C LEU G 187 43.51 -14.51 2.14
N ALA G 188 43.02 -13.74 1.18
CA ALA G 188 42.40 -12.45 1.44
C ALA G 188 40.89 -12.56 1.24
N LEU G 189 40.13 -11.99 2.17
CA LEU G 189 38.67 -12.13 2.21
C LEU G 189 38.04 -10.82 2.66
N GLY G 190 37.01 -10.38 1.94
CA GLY G 190 36.25 -9.21 2.32
C GLY G 190 34.81 -9.33 1.88
N ALA G 191 33.91 -8.77 2.68
CA ALA G 191 32.48 -8.79 2.39
C ALA G 191 31.94 -7.37 2.49
N PHE G 192 31.19 -6.95 1.47
CA PHE G 192 30.74 -5.57 1.36
C PHE G 192 29.25 -5.53 1.04
N VAL G 193 28.55 -4.58 1.66
CA VAL G 193 27.12 -4.35 1.45
C VAL G 193 26.93 -2.89 1.08
N VAL G 194 26.41 -2.62 -0.11
CA VAL G 194 26.22 -1.22 -0.53
C VAL G 194 24.74 -1.01 -0.84
N PRO G 195 24.18 0.15 -0.51
CA PRO G 195 22.77 0.41 -0.81
C PRO G 195 22.54 0.56 -2.30
N ASN G 196 21.34 0.19 -2.74
CA ASN G 196 20.99 0.20 -4.16
C ASN G 196 20.51 1.61 -4.55
N GLU G 197 21.47 2.54 -4.52
CA GLU G 197 21.18 3.94 -4.81
C GLU G 197 22.47 4.62 -5.25
N ALA G 198 22.33 5.88 -5.67
CA ALA G 198 23.49 6.63 -6.14
C ALA G 198 24.45 6.89 -4.99
N ILE G 199 25.72 6.57 -5.23
CA ILE G 199 26.81 6.84 -4.30
C ILE G 199 27.91 7.53 -5.08
N GLY G 200 28.41 8.63 -4.55
CA GLY G 200 29.42 9.42 -5.24
C GLY G 200 30.80 8.81 -5.15
N PHE G 201 31.82 9.66 -5.29
CA PHE G 201 33.20 9.24 -5.15
C PHE G 201 33.75 9.42 -3.73
N GLN G 202 33.00 10.09 -2.85
CA GLN G 202 33.54 10.37 -1.52
C GLN G 202 33.64 9.13 -0.64
N PRO G 203 32.62 8.28 -0.51
CA PRO G 203 32.73 7.16 0.43
C PRO G 203 33.74 6.13 -0.06
N GLN G 204 34.64 5.71 0.83
CA GLN G 204 35.57 4.65 0.51
C GLN G 204 34.88 3.30 0.63
N LEU G 205 35.41 2.31 -0.10
CA LEU G 205 34.82 0.98 -0.11
C LEU G 205 34.75 0.40 1.30
N THR G 206 35.78 0.63 2.11
CA THR G 206 35.83 0.09 3.46
C THR G 206 34.67 0.58 4.33
N GLU G 207 33.97 1.64 3.92
CA GLU G 207 32.81 2.10 4.69
C GLU G 207 31.61 1.19 4.51
N PHE G 208 31.60 0.34 3.48
CA PHE G 208 30.54 -0.63 3.25
C PHE G 208 30.95 -2.04 3.64
N GLN G 209 32.09 -2.20 4.28
CA GLN G 209 32.58 -3.51 4.68
C GLN G 209 31.80 -4.00 5.89
N VAL G 210 31.54 -5.30 5.91
CA VAL G 210 30.90 -5.98 7.03
C VAL G 210 31.67 -7.26 7.28
N SER G 211 31.51 -7.80 8.49
CA SER G 211 32.09 -9.11 8.74
C SER G 211 31.33 -10.17 7.94
N LEU G 212 32.05 -11.21 7.53
CA LEU G 212 31.45 -12.30 6.77
C LEU G 212 30.30 -12.93 7.56
N GLN G 213 30.48 -13.14 8.86
CA GLN G 213 29.43 -13.72 9.69
C GLN G 213 28.18 -12.85 9.69
N ASP G 214 28.35 -11.53 9.76
CA ASP G 214 27.20 -10.64 9.72
C ASP G 214 26.44 -10.76 8.40
N LEU G 215 27.17 -10.84 7.29
CA LEU G 215 26.50 -10.99 6.00
C LEU G 215 25.77 -12.33 5.90
N GLU G 216 26.31 -13.36 6.54
CA GLU G 216 25.66 -14.67 6.48
C GLU G 216 24.35 -14.66 7.25
N LYS G 217 24.25 -13.89 8.33
CA LYS G 217 22.98 -13.78 9.05
C LYS G 217 21.98 -12.94 8.26
N LEU G 218 22.45 -11.87 7.62
CA LEU G 218 21.56 -11.05 6.79
C LEU G 218 20.96 -11.88 5.66
N SER G 219 21.80 -12.57 4.90
CA SER G 219 21.41 -13.22 3.67
C SER G 219 20.87 -14.64 3.86
N GLY G 220 21.04 -15.24 5.03
CA GLY G 220 20.68 -16.64 5.19
C GLY G 220 21.50 -17.57 4.33
N LEU G 221 22.72 -17.19 3.96
CA LEU G 221 23.59 -18.01 3.13
C LEU G 221 24.87 -18.33 3.90
N VAL G 222 25.51 -19.44 3.50
CA VAL G 222 26.83 -19.81 3.99
C VAL G 222 27.78 -19.75 2.80
N PHE G 223 28.69 -18.79 2.81
CA PHE G 223 29.62 -18.58 1.70
C PHE G 223 30.86 -19.45 1.87
N PHE G 224 31.34 -19.99 0.75
CA PHE G 224 32.54 -20.80 0.70
C PHE G 224 32.58 -21.87 1.80
N PRO G 225 31.63 -22.81 1.79
CA PRO G 225 31.52 -23.75 2.92
C PRO G 225 32.66 -24.74 3.01
N HIS G 226 33.47 -24.91 1.96
CA HIS G 226 34.58 -25.83 2.03
C HIS G 226 35.84 -25.20 2.60
N LEU G 227 35.88 -23.87 2.71
CA LEU G 227 37.07 -23.17 3.14
C LEU G 227 37.44 -23.54 4.56
N ASP G 228 38.71 -23.86 4.78
CA ASP G 228 39.19 -24.27 6.09
C ASP G 228 39.07 -23.12 7.09
N ARG G 229 38.61 -23.44 8.30
CA ARG G 229 38.38 -22.43 9.32
C ARG G 229 39.62 -22.12 10.15
N THR G 230 40.62 -23.00 10.13
CA THR G 230 41.89 -22.73 10.81
C THR G 230 42.99 -22.29 9.85
N SER G 231 42.71 -22.20 8.55
CA SER G 231 43.70 -21.70 7.62
C SER G 231 43.82 -20.19 7.74
N ASP G 232 45.04 -19.69 7.59
CA ASP G 232 45.31 -18.26 7.71
C ASP G 232 44.50 -17.47 6.68
N ILE G 233 43.57 -16.66 7.16
CA ILE G 233 42.75 -15.80 6.31
C ILE G 233 42.84 -14.38 6.85
N ARG G 234 43.12 -13.44 5.97
CA ARG G 234 43.31 -12.05 6.37
C ARG G 234 42.26 -11.18 5.70
N ASN G 235 41.91 -10.10 6.40
CA ASN G 235 41.06 -9.05 5.85
C ASN G 235 41.66 -8.52 4.55
N ILE G 236 40.83 -8.48 3.49
CA ILE G 236 41.34 -8.04 2.19
C ILE G 236 41.73 -6.57 2.23
N CYS G 237 41.09 -5.78 3.09
CA CYS G 237 41.46 -4.38 3.18
C CYS G 237 42.66 -4.15 4.08
N SER G 238 43.25 -5.21 4.64
CA SER G 238 44.52 -5.13 5.37
C SER G 238 45.69 -5.58 4.52
N VAL G 239 45.56 -6.71 3.82
CA VAL G 239 46.64 -7.17 2.93
C VAL G 239 46.58 -6.48 1.57
N ASP G 240 45.47 -5.83 1.25
CA ASP G 240 45.36 -5.05 0.01
C ASP G 240 44.80 -3.68 0.35
N THR G 241 44.48 -2.88 -0.66
CA THR G 241 44.15 -1.47 -0.40
C THR G 241 42.64 -1.21 -0.30
N CYS G 242 41.82 -1.95 -1.05
CA CYS G 242 40.39 -1.66 -1.14
C CYS G 242 40.15 -0.22 -1.60
N LYS G 243 40.97 0.24 -2.54
CA LYS G 243 40.91 1.62 -3.03
C LYS G 243 40.22 1.64 -4.39
N LEU G 244 39.03 2.24 -4.45
CA LEU G 244 38.37 2.41 -5.73
C LEU G 244 38.98 3.60 -6.49
N LEU G 245 38.71 3.64 -7.78
CA LEU G 245 39.21 4.73 -8.62
C LEU G 245 38.52 6.04 -8.25
N ASP G 246 39.28 7.13 -8.25
CA ASP G 246 38.72 8.45 -7.99
C ASP G 246 38.12 8.97 -9.29
N PHE G 247 37.61 10.21 -9.25
CA PHE G 247 36.95 10.77 -10.43
C PHE G 247 37.89 10.85 -11.62
N GLN G 248 39.14 11.28 -11.39
CA GLN G 248 40.09 11.44 -12.48
C GLN G 248 40.47 10.09 -13.08
N GLU G 249 40.82 9.12 -12.24
CA GLU G 249 41.16 7.79 -12.73
C GLU G 249 39.97 7.15 -13.46
N PHE G 250 38.77 7.30 -12.91
CA PHE G 250 37.58 6.67 -13.49
C PHE G 250 37.26 7.27 -14.86
N THR G 251 37.22 8.60 -14.94
CA THR G 251 36.93 9.25 -16.22
C THR G 251 37.98 8.93 -17.26
N LEU G 252 39.26 8.87 -16.84
CA LEU G 252 40.33 8.51 -17.76
C LEU G 252 40.17 7.10 -18.29
N TYR G 253 39.85 6.14 -17.40
CA TYR G 253 39.65 4.76 -17.83
C TYR G 253 38.47 4.66 -18.79
N LEU G 254 37.40 5.40 -18.53
CA LEU G 254 36.24 5.35 -19.43
C LEU G 254 36.59 5.91 -20.81
N SER G 255 37.35 7.01 -20.85
CA SER G 255 37.76 7.58 -22.13
C SER G 255 38.66 6.63 -22.91
N THR G 256 39.52 5.89 -22.19
CA THR G 256 40.34 4.89 -22.84
C THR G 256 39.48 3.84 -23.54
N ARG G 257 38.43 3.37 -22.86
CA ARG G 257 37.56 2.38 -23.47
C ARG G 257 36.69 2.97 -24.57
N LYS G 258 36.42 4.27 -24.52
CA LYS G 258 35.65 4.93 -25.57
C LYS G 258 36.48 5.21 -26.82
N ILE G 259 37.79 5.41 -26.66
CA ILE G 259 38.67 5.72 -27.79
C ILE G 259 38.76 4.55 -28.77
N GLU G 260 38.44 3.33 -28.33
CA GLU G 260 38.48 2.15 -29.19
C GLU G 260 37.11 1.79 -29.76
N GLY G 261 36.11 2.64 -29.59
CA GLY G 261 34.90 2.61 -30.38
C GLY G 261 34.86 3.88 -31.20
N ALA G 262 34.82 3.76 -32.52
CA ALA G 262 35.29 4.86 -33.34
C ALA G 262 34.45 5.12 -34.59
N ARG G 263 34.35 6.39 -34.93
CA ARG G 263 34.40 6.88 -36.30
C ARG G 263 35.39 8.04 -36.29
N SER G 264 35.53 8.72 -37.43
CA SER G 264 36.58 9.74 -37.54
C SER G 264 36.41 10.87 -36.53
N VAL G 265 35.18 11.11 -36.06
CA VAL G 265 34.89 12.28 -35.23
C VAL G 265 34.65 11.91 -33.77
N LEU G 266 34.05 10.75 -33.49
CA LEU G 266 33.80 10.40 -32.09
C LEU G 266 35.10 10.39 -31.29
N ARG G 267 36.18 9.90 -31.90
CA ARG G 267 37.50 10.02 -31.28
C ARG G 267 37.83 11.48 -30.99
N LEU G 268 37.49 12.37 -31.92
CA LEU G 268 37.68 13.80 -31.68
C LEU G 268 36.84 14.27 -30.51
N GLU G 269 35.61 13.75 -30.39
CA GLU G 269 34.72 14.21 -29.34
C GLU G 269 35.24 13.85 -27.96
N LYS G 270 35.94 12.71 -27.83
CA LYS G 270 36.27 12.21 -26.50
C LYS G 270 37.41 13.00 -25.86
N ILE G 271 38.39 13.43 -26.65
CA ILE G 271 39.46 14.25 -26.09
C ILE G 271 38.93 15.61 -25.67
N MET G 272 37.86 16.09 -26.31
CA MET G 272 37.17 17.27 -25.82
C MET G 272 36.63 17.05 -24.41
N GLU G 273 36.09 15.86 -24.14
CA GLU G 273 35.50 15.58 -22.84
C GLU G 273 36.56 15.58 -21.74
N ASN G 274 37.76 15.06 -22.05
CA ASN G 274 38.81 14.96 -21.04
C ASN G 274 39.21 16.34 -20.53
N LEU G 275 39.55 17.26 -21.43
CA LEU G 275 40.04 18.56 -21.02
C LEU G 275 38.96 19.38 -20.31
N LYS G 276 37.69 19.11 -20.61
CA LYS G 276 36.60 19.91 -20.03
C LYS G 276 36.60 19.83 -18.51
N ASN G 277 36.60 18.62 -17.96
CA ASN G 277 36.57 18.46 -16.51
C ASN G 277 38.00 18.43 -15.96
N ALA G 278 38.89 19.18 -16.61
CA ALA G 278 40.25 19.41 -16.11
C ALA G 278 41.04 18.12 -15.96
N GLU G 279 40.86 17.19 -16.90
CA GLU G 279 41.61 15.94 -16.83
C GLU G 279 42.99 16.10 -17.45
N ILE G 280 43.86 15.13 -17.16
CA ILE G 280 45.24 15.18 -17.59
C ILE G 280 45.38 14.40 -18.90
N GLU G 281 46.61 14.10 -19.30
CA GLU G 281 46.85 13.36 -20.54
C GLU G 281 47.77 12.16 -20.36
N PRO G 282 47.64 11.34 -19.29
CA PRO G 282 48.65 10.29 -19.06
C PRO G 282 48.54 9.13 -20.02
N ASP G 283 47.44 8.38 -19.96
CA ASP G 283 47.27 7.16 -20.75
C ASP G 283 46.49 7.37 -22.04
N ASP G 284 45.62 8.37 -22.09
CA ASP G 284 44.75 8.52 -23.26
C ASP G 284 45.55 8.77 -24.52
N TYR G 285 46.54 9.67 -24.46
CA TYR G 285 47.29 10.05 -25.65
C TYR G 285 48.08 8.90 -26.26
N PHE G 286 48.28 7.80 -25.51
CA PHE G 286 48.93 6.62 -26.04
C PHE G 286 48.05 5.98 -27.12
N MET G 287 46.91 5.45 -26.72
CA MET G 287 45.95 4.88 -27.66
C MET G 287 45.24 5.96 -28.47
N SER G 288 45.40 7.24 -28.11
CA SER G 288 44.80 8.32 -28.89
C SER G 288 45.44 8.43 -30.27
N ARG G 289 46.77 8.53 -30.31
CA ARG G 289 47.47 8.68 -31.58
C ARG G 289 47.26 7.46 -32.48
N TYR G 290 47.04 6.29 -31.89
CA TYR G 290 46.69 5.12 -32.69
C TYR G 290 45.32 5.29 -33.34
N GLU G 291 44.38 5.88 -32.60
CA GLU G 291 43.03 6.20 -33.08
C GLU G 291 42.35 5.02 -33.77
N ALA H 3 36.12 -25.90 -13.05
CA ALA H 3 36.18 -26.69 -11.82
C ALA H 3 36.61 -25.85 -10.63
N VAL H 4 37.56 -24.93 -10.85
CA VAL H 4 38.01 -24.06 -9.77
C VAL H 4 36.95 -23.06 -9.35
N LEU H 5 35.85 -22.96 -10.11
CA LEU H 5 34.73 -22.14 -9.67
C LEU H 5 34.20 -22.62 -8.34
N GLU H 6 34.02 -23.94 -8.20
CA GLU H 6 33.59 -24.56 -6.95
C GLU H 6 34.75 -24.89 -6.02
N GLN H 7 35.89 -24.21 -6.18
CA GLN H 7 37.09 -24.51 -5.41
C GLN H 7 36.81 -24.59 -3.92
N PHE H 8 36.16 -23.56 -3.38
CA PHE H 8 35.77 -23.52 -1.98
C PHE H 8 34.29 -23.82 -1.77
N GLY H 9 33.65 -24.40 -2.78
CA GLY H 9 32.26 -24.81 -2.67
C GLY H 9 31.30 -23.72 -3.08
N PHE H 10 30.09 -24.14 -3.43
CA PHE H 10 29.00 -23.21 -3.70
C PHE H 10 28.39 -22.71 -2.39
N PRO H 11 27.86 -21.50 -2.38
CA PRO H 11 27.15 -21.03 -1.18
C PRO H 11 26.00 -21.96 -0.83
N LEU H 12 25.76 -22.14 0.46
CA LEU H 12 24.71 -23.02 0.95
C LEU H 12 23.45 -22.20 1.26
N THR H 13 22.32 -22.67 0.74
CA THR H 13 21.04 -22.07 1.06
C THR H 13 20.29 -22.81 2.16
N GLY H 14 20.59 -24.09 2.37
CA GLY H 14 19.93 -24.82 3.44
C GLY H 14 18.44 -25.03 3.27
N THR H 15 17.97 -25.11 2.02
CA THR H 15 16.56 -25.34 1.72
C THR H 15 16.21 -26.80 1.62
N GLU H 16 17.15 -27.69 1.93
CA GLU H 16 16.93 -29.12 1.81
C GLU H 16 15.73 -29.56 2.64
N ALA H 17 14.94 -30.49 2.08
CA ALA H 17 13.78 -31.00 2.79
C ALA H 17 14.21 -31.75 4.05
N ARG H 18 13.52 -31.46 5.15
CA ARG H 18 13.82 -32.07 6.44
C ARG H 18 12.58 -32.87 6.86
N CYS H 19 12.77 -34.16 7.14
CA CYS H 19 11.67 -35.07 7.43
C CYS H 19 11.58 -35.33 8.92
N TYR H 20 10.37 -35.25 9.45
CA TYR H 20 10.06 -35.54 10.85
C TYR H 20 9.07 -36.71 10.89
N THR H 21 8.56 -36.99 12.09
CA THR H 21 7.74 -38.18 12.27
C THR H 21 6.50 -38.14 11.38
N ASN H 22 5.79 -37.01 11.35
CA ASN H 22 4.56 -36.91 10.58
C ASN H 22 4.49 -35.65 9.74
N HIS H 23 5.63 -34.99 9.49
CA HIS H 23 5.65 -33.85 8.58
C HIS H 23 7.05 -33.67 8.05
N ALA H 24 7.15 -32.88 6.98
CA ALA H 24 8.41 -32.47 6.40
C ALA H 24 8.34 -30.97 6.09
N LEU H 25 9.51 -30.35 5.97
CA LEU H 25 9.55 -28.91 5.76
C LEU H 25 10.84 -28.50 5.07
N SER H 26 10.78 -27.35 4.41
CA SER H 26 11.95 -26.64 3.90
C SER H 26 12.08 -25.35 4.69
N TYR H 27 13.27 -25.10 5.22
CA TYR H 27 13.49 -23.98 6.13
C TYR H 27 14.08 -22.80 5.38
N ASP H 28 13.62 -21.58 5.74
CA ASP H 28 14.10 -20.33 5.15
C ASP H 28 15.05 -19.69 6.15
N GLN H 29 16.35 -19.88 5.92
CA GLN H 29 17.36 -19.39 6.87
C GLN H 29 17.42 -17.87 6.94
N ALA H 30 17.01 -17.16 5.89
CA ALA H 30 17.03 -15.70 5.94
C ALA H 30 15.84 -15.14 6.70
N LYS H 31 14.66 -15.74 6.54
CA LYS H 31 13.47 -15.27 7.23
C LYS H 31 13.24 -15.97 8.57
N ARG H 32 13.96 -17.06 8.85
CA ARG H 32 13.83 -17.80 10.10
C ARG H 32 12.44 -18.43 10.25
N VAL H 33 11.84 -18.81 9.12
CA VAL H 33 10.53 -19.49 9.10
C VAL H 33 10.60 -20.59 8.06
N PRO H 34 9.68 -21.57 8.13
CA PRO H 34 9.59 -22.55 7.06
C PRO H 34 9.10 -21.92 5.76
N ARG H 35 9.60 -22.45 4.64
CA ARG H 35 9.06 -22.08 3.34
C ARG H 35 7.78 -22.85 3.04
N TRP H 36 7.77 -24.14 3.36
CA TRP H 36 6.58 -24.97 3.24
C TRP H 36 6.67 -26.06 4.29
N VAL H 37 5.50 -26.54 4.73
CA VAL H 37 5.41 -27.67 5.64
C VAL H 37 4.39 -28.64 5.06
N LEU H 38 4.81 -29.88 4.84
CA LEU H 38 3.98 -30.91 4.22
C LEU H 38 3.57 -31.91 5.29
N GLU H 39 2.27 -32.17 5.39
CA GLU H 39 1.78 -33.15 6.34
C GLU H 39 0.73 -34.03 5.67
N HIS H 40 0.53 -35.21 6.25
CA HIS H 40 -0.47 -36.16 5.79
C HIS H 40 -1.39 -36.50 6.95
N ILE H 41 -2.70 -36.51 6.67
CA ILE H 41 -3.73 -36.74 7.68
C ILE H 41 -4.53 -37.98 7.30
N SER H 42 -4.90 -38.76 8.30
CA SER H 42 -5.91 -39.81 8.15
C SER H 42 -6.70 -39.89 9.45
N LYS H 43 -7.79 -40.66 9.41
CA LYS H 43 -8.68 -40.77 10.56
C LYS H 43 -7.94 -41.28 11.79
N SER H 44 -7.03 -42.24 11.61
CA SER H 44 -6.33 -42.80 12.77
C SER H 44 -5.32 -41.83 13.36
N LYS H 45 -4.74 -40.95 12.55
CA LYS H 45 -3.68 -40.07 13.04
C LYS H 45 -4.23 -38.99 13.98
N ILE H 46 -5.45 -38.50 13.70
CA ILE H 46 -6.05 -37.48 14.54
C ILE H 46 -6.68 -38.07 15.80
N MET H 47 -6.59 -39.38 15.98
CA MET H 47 -7.03 -40.05 17.20
C MET H 47 -5.83 -40.47 18.03
N GLY H 48 -5.91 -40.24 19.34
CA GLY H 48 -4.85 -40.62 20.24
C GLY H 48 -4.91 -39.77 21.49
N ASP H 49 -4.03 -40.10 22.43
CA ASP H 49 -3.95 -39.38 23.70
C ASP H 49 -2.71 -38.50 23.81
N ALA H 50 -2.10 -38.13 22.70
CA ALA H 50 -1.01 -37.17 22.73
C ALA H 50 -1.56 -35.81 23.14
N ASP H 51 -0.89 -35.16 24.09
CA ASP H 51 -1.37 -33.93 24.70
C ASP H 51 -0.31 -32.85 24.57
N ARG H 52 -0.69 -31.71 23.96
CA ARG H 52 0.24 -30.61 23.73
C ARG H 52 0.61 -29.87 25.00
N LYS H 53 -0.05 -30.17 26.13
CA LYS H 53 0.34 -29.55 27.39
C LYS H 53 1.67 -30.10 27.90
N HIS H 54 2.05 -31.31 27.48
CA HIS H 54 3.38 -31.84 27.74
C HIS H 54 4.42 -31.34 26.74
N CYS H 55 4.02 -30.48 25.81
CA CYS H 55 4.90 -29.98 24.76
C CYS H 55 5.22 -28.52 25.00
N LYS H 56 6.40 -28.10 24.52
CA LYS H 56 6.82 -26.72 24.65
C LYS H 56 7.57 -26.31 23.37
N PHE H 57 7.39 -25.05 22.99
CA PHE H 57 8.11 -24.52 21.85
C PHE H 57 9.61 -24.49 22.16
N LYS H 58 10.41 -24.90 21.19
CA LYS H 58 11.86 -24.88 21.35
C LYS H 58 12.48 -24.75 19.97
N PRO H 59 13.69 -24.21 19.88
CA PRO H 59 14.40 -24.22 18.60
C PRO H 59 14.59 -25.64 18.10
N ASP H 60 14.45 -25.82 16.80
CA ASP H 60 14.70 -27.11 16.19
C ASP H 60 16.19 -27.44 16.36
N PRO H 61 16.54 -28.53 17.07
CA PRO H 61 17.96 -28.82 17.30
C PRO H 61 18.74 -29.16 16.03
N ASN H 62 18.06 -29.40 14.91
CA ASN H 62 18.72 -29.73 13.66
C ASN H 62 18.93 -28.51 12.77
N ILE H 63 18.48 -27.33 13.18
CA ILE H 63 18.69 -26.09 12.43
C ILE H 63 19.95 -25.43 12.99
N PRO H 64 20.88 -24.98 12.15
CA PRO H 64 22.07 -24.28 12.65
C PRO H 64 21.66 -23.07 13.48
N PRO H 65 22.22 -22.92 14.67
CA PRO H 65 21.76 -21.84 15.58
C PRO H 65 21.82 -20.45 14.97
N THR H 66 22.80 -20.21 14.09
CA THR H 66 22.90 -18.91 13.42
C THR H 66 21.62 -18.56 12.67
N PHE H 67 20.88 -19.56 12.19
CA PHE H 67 19.70 -19.33 11.35
C PHE H 67 18.40 -19.73 12.04
N SER H 68 18.45 -20.10 13.32
CA SER H 68 17.27 -20.51 14.05
C SER H 68 16.55 -19.32 14.65
N ALA H 69 15.24 -19.43 14.76
CA ALA H 69 14.52 -18.56 15.65
C ALA H 69 14.67 -19.07 17.09
N PHE H 70 14.36 -18.20 18.04
CA PHE H 70 14.33 -18.57 19.44
C PHE H 70 13.08 -17.97 20.06
N ASN H 71 12.72 -18.47 21.24
CA ASN H 71 11.49 -18.05 21.88
C ASN H 71 11.52 -16.57 22.26
N GLU H 72 12.71 -16.03 22.54
CA GLU H 72 12.84 -14.59 22.81
C GLU H 72 12.35 -13.74 21.66
N ASP H 73 12.49 -14.23 20.42
CA ASP H 73 12.04 -13.46 19.26
C ASP H 73 10.53 -13.27 19.28
N TYR H 74 9.78 -14.27 19.74
CA TYR H 74 8.32 -14.26 19.73
C TYR H 74 7.71 -13.64 20.97
N VAL H 75 8.24 -13.95 22.15
CA VAL H 75 7.63 -13.52 23.41
C VAL H 75 7.68 -12.00 23.48
N GLY H 76 6.50 -11.38 23.64
CA GLY H 76 6.41 -9.94 23.73
C GLY H 76 6.41 -9.20 22.40
N SER H 77 6.46 -9.93 21.29
CA SER H 77 6.51 -9.27 19.98
C SER H 77 5.17 -8.72 19.54
N GLY H 78 4.08 -9.12 20.18
CA GLY H 78 2.75 -8.85 19.67
C GLY H 78 2.24 -9.88 18.68
N TRP H 79 3.04 -10.89 18.36
CA TRP H 79 2.64 -11.99 17.47
C TRP H 79 2.74 -13.31 18.21
N SER H 80 1.91 -14.26 17.81
CA SER H 80 1.90 -15.58 18.41
C SER H 80 2.71 -16.56 17.58
N ARG H 81 3.11 -17.66 18.24
CA ARG H 81 3.79 -18.76 17.56
C ARG H 81 2.75 -19.61 16.85
N GLY H 82 2.74 -19.52 15.50
CA GLY H 82 1.75 -20.19 14.70
C GLY H 82 2.36 -21.40 14.02
N HIS H 83 1.88 -22.58 14.40
CA HIS H 83 2.36 -23.82 13.84
C HIS H 83 1.77 -24.04 12.45
N MET H 84 2.59 -24.49 11.51
CA MET H 84 2.08 -24.81 10.18
C MET H 84 1.51 -26.22 10.14
N ALA H 85 2.26 -27.21 10.62
CA ALA H 85 1.71 -28.52 10.91
C ALA H 85 1.14 -28.50 12.32
N PRO H 86 -0.18 -28.57 12.50
CA PRO H 86 -0.75 -28.37 13.83
C PRO H 86 -0.55 -29.59 14.72
N ALA H 87 -0.48 -29.31 16.03
CA ALA H 87 -0.39 -30.39 17.00
C ALA H 87 -1.61 -31.29 16.93
N GLY H 88 -2.80 -30.72 16.67
CA GLY H 88 -4.04 -31.49 16.66
C GLY H 88 -4.11 -32.54 15.56
N ASN H 89 -3.20 -32.51 14.58
CA ASN H 89 -3.11 -33.53 13.56
C ASN H 89 -2.24 -34.70 13.98
N ASN H 90 -1.71 -34.68 15.20
CA ASN H 90 -0.76 -35.70 15.64
C ASN H 90 -1.13 -36.26 17.02
N LYS H 91 -2.43 -36.37 17.28
CA LYS H 91 -2.88 -37.01 18.52
C LYS H 91 -2.35 -38.43 18.63
N PHE H 92 -2.10 -39.08 17.50
CA PHE H 92 -1.61 -40.45 17.49
C PHE H 92 -0.17 -40.58 17.97
N SER H 93 0.59 -39.47 18.00
CA SER H 93 2.02 -39.54 18.27
C SER H 93 2.48 -38.31 19.03
N SER H 94 2.77 -38.48 20.33
CA SER H 94 3.42 -37.46 21.13
C SER H 94 4.76 -37.05 20.53
N LYS H 95 5.52 -38.00 19.98
CA LYS H 95 6.80 -37.64 19.37
C LYS H 95 6.58 -36.81 18.12
N ALA H 96 5.61 -37.18 17.29
CA ALA H 96 5.26 -36.34 16.15
C ALA H 96 4.74 -34.98 16.62
N MET H 97 3.91 -34.98 17.66
CA MET H 97 3.38 -33.72 18.18
C MET H 97 4.50 -32.82 18.72
N ALA H 98 5.48 -33.42 19.40
CA ALA H 98 6.57 -32.62 19.95
C ALA H 98 7.37 -31.92 18.86
N GLU H 99 7.61 -32.61 17.73
CA GLU H 99 8.38 -32.03 16.64
C GLU H 99 7.65 -30.89 15.95
N THR H 100 6.32 -30.87 15.99
CA THR H 100 5.58 -29.70 15.48
C THR H 100 5.73 -28.49 16.37
N PHE H 101 6.25 -28.66 17.58
CA PHE H 101 6.56 -27.53 18.45
C PHE H 101 7.98 -26.99 18.24
N TYR H 102 8.79 -27.62 17.39
CA TYR H 102 10.05 -26.99 16.96
C TYR H 102 9.75 -25.69 16.24
N LEU H 103 10.63 -24.69 16.43
CA LEU H 103 10.37 -23.39 15.84
C LEU H 103 10.58 -23.37 14.32
N SER H 104 11.15 -24.43 13.75
CA SER H 104 11.21 -24.55 12.30
C SER H 104 9.83 -24.79 11.68
N ASN H 105 8.82 -25.12 12.49
CA ASN H 105 7.44 -25.31 12.06
C ASN H 105 6.57 -24.09 12.39
N ILE H 106 7.18 -23.02 12.88
CA ILE H 106 6.47 -21.90 13.49
C ILE H 106 6.67 -20.65 12.65
N VAL H 107 5.62 -19.86 12.49
CA VAL H 107 5.73 -18.52 11.90
C VAL H 107 5.03 -17.53 12.83
N PRO H 108 5.42 -16.25 12.78
CA PRO H 108 4.69 -15.24 13.56
C PRO H 108 3.29 -15.04 13.01
N GLN H 109 2.28 -15.39 13.81
CA GLN H 109 0.90 -15.36 13.34
C GLN H 109 0.05 -14.51 14.26
N ASP H 110 -0.84 -13.73 13.66
CA ASP H 110 -1.80 -12.94 14.43
C ASP H 110 -2.55 -13.82 15.41
N PHE H 111 -2.78 -13.28 16.62
CA PHE H 111 -3.35 -14.07 17.71
C PHE H 111 -4.76 -14.55 17.36
N ASP H 112 -5.64 -13.63 16.96
CA ASP H 112 -7.00 -14.02 16.63
C ASP H 112 -7.05 -14.97 15.45
N ASN H 113 -6.08 -14.87 14.54
CA ASN H 113 -6.12 -15.65 13.31
C ASN H 113 -5.91 -17.13 13.57
N ASN H 114 -4.87 -17.52 14.32
CA ASN H 114 -4.68 -18.96 14.44
C ASN H 114 -5.46 -19.59 15.59
N SER H 115 -5.95 -18.81 16.55
CA SER H 115 -6.98 -19.30 17.45
C SER H 115 -8.35 -19.37 16.77
N GLY H 116 -8.57 -18.56 15.74
CA GLY H 116 -9.88 -18.47 15.10
C GLY H 116 -9.93 -19.01 13.69
N TYR H 117 -9.78 -18.13 12.69
CA TYR H 117 -10.06 -18.53 11.31
C TYR H 117 -9.12 -19.63 10.84
N TRP H 118 -7.83 -19.52 11.17
CA TRP H 118 -6.86 -20.53 10.75
C TRP H 118 -7.10 -21.85 11.49
N ASN H 119 -7.43 -21.77 12.78
CA ASN H 119 -7.84 -22.95 13.53
C ASN H 119 -9.05 -23.62 12.89
N ARG H 120 -10.00 -22.81 12.41
CA ARG H 120 -11.17 -23.36 11.76
C ARG H 120 -10.83 -24.03 10.43
N ILE H 121 -9.79 -23.56 9.73
CA ILE H 121 -9.35 -24.24 8.52
C ILE H 121 -8.68 -25.57 8.85
N GLU H 122 -7.92 -25.62 9.94
CA GLU H 122 -7.29 -26.87 10.35
C GLU H 122 -8.34 -27.91 10.75
N MET H 123 -9.43 -27.47 11.39
CA MET H 123 -10.51 -28.39 11.73
C MET H 123 -11.19 -28.94 10.48
N TYR H 124 -11.30 -28.11 9.43
CA TYR H 124 -11.91 -28.61 8.19
C TYR H 124 -11.03 -29.65 7.52
N CYS H 125 -9.70 -29.46 7.54
CA CYS H 125 -8.81 -30.47 6.99
C CYS H 125 -8.96 -31.80 7.72
N ARG H 126 -9.19 -31.76 9.04
CA ARG H 126 -9.40 -32.99 9.80
C ARG H 126 -10.78 -33.58 9.54
N GLU H 127 -11.79 -32.72 9.38
CA GLU H 127 -13.11 -33.20 9.01
C GLU H 127 -13.08 -33.93 7.67
N LEU H 128 -12.15 -33.56 6.78
CA LEU H 128 -12.06 -34.20 5.47
C LEU H 128 -11.66 -35.66 5.57
N THR H 129 -11.02 -36.09 6.66
CA THR H 129 -10.71 -37.50 6.81
C THR H 129 -11.94 -38.35 7.11
N GLU H 130 -13.08 -37.74 7.43
CA GLU H 130 -14.33 -38.48 7.54
C GLU H 130 -14.86 -38.90 6.18
N ARG H 131 -14.47 -38.22 5.11
CA ARG H 131 -14.98 -38.50 3.78
C ARG H 131 -13.90 -38.96 2.80
N PHE H 132 -12.62 -38.76 3.12
CA PHE H 132 -11.49 -39.23 2.33
C PHE H 132 -10.54 -40.01 3.22
N GLU H 133 -10.03 -41.13 2.70
CA GLU H 133 -9.06 -41.92 3.45
C GLU H 133 -7.76 -41.13 3.70
N ASP H 134 -7.23 -40.48 2.68
CA ASP H 134 -5.93 -39.83 2.76
C ASP H 134 -6.06 -38.35 2.41
N VAL H 135 -5.48 -37.48 3.24
CA VAL H 135 -5.43 -36.05 2.98
C VAL H 135 -4.00 -35.55 3.16
N TRP H 136 -3.48 -34.86 2.15
CA TRP H 136 -2.18 -34.18 2.22
C TRP H 136 -2.39 -32.68 2.28
N VAL H 137 -1.57 -31.99 3.06
CA VAL H 137 -1.67 -30.55 3.25
C VAL H 137 -0.29 -29.93 3.16
N VAL H 138 -0.16 -28.85 2.40
CA VAL H 138 1.03 -28.01 2.38
C VAL H 138 0.61 -26.63 2.87
N SER H 139 1.28 -26.15 3.91
CA SER H 139 1.03 -24.83 4.46
C SER H 139 2.35 -24.05 4.52
N GLY H 140 2.24 -22.73 4.57
CA GLY H 140 3.40 -21.88 4.66
C GLY H 140 3.08 -20.41 4.65
N PRO H 141 4.11 -19.58 4.85
CA PRO H 141 3.93 -18.13 4.86
C PRO H 141 4.13 -17.49 3.50
N LEU H 142 3.56 -16.30 3.36
CA LEU H 142 3.72 -15.46 2.19
C LEU H 142 3.95 -14.02 2.64
N THR H 143 4.67 -13.27 1.81
CA THR H 143 4.83 -11.83 1.97
C THR H 143 4.47 -11.22 0.62
N LEU H 144 3.24 -10.80 0.47
CA LEU H 144 2.70 -10.37 -0.82
C LEU H 144 2.79 -8.86 -0.96
N PRO H 145 2.85 -8.36 -2.19
CA PRO H 145 2.92 -6.91 -2.39
C PRO H 145 1.53 -6.27 -2.37
N GLN H 146 1.54 -4.96 -2.14
CA GLN H 146 0.33 -4.15 -2.23
C GLN H 146 0.67 -2.85 -2.95
N THR H 147 -0.29 -2.34 -3.72
CA THR H 147 -0.11 -1.09 -4.46
C THR H 147 -0.45 0.08 -3.55
N ARG H 148 0.45 1.05 -3.45
CA ARG H 148 0.23 2.20 -2.59
C ARG H 148 -0.29 3.39 -3.41
N GLY H 149 -0.67 4.45 -2.69
CA GLY H 149 -1.32 5.58 -3.32
C GLY H 149 -0.53 6.15 -4.48
N ASP H 150 0.79 6.18 -4.35
CA ASP H 150 1.67 6.39 -5.48
C ASP H 150 1.90 5.05 -6.17
N GLY H 151 1.56 4.99 -7.46
CA GLY H 151 1.39 3.74 -8.19
C GLY H 151 2.36 2.58 -7.97
N LYS H 152 3.43 2.77 -7.20
CA LYS H 152 4.43 1.72 -7.04
C LYS H 152 3.87 0.55 -6.21
N LYS H 153 4.30 -0.66 -6.55
CA LYS H 153 3.95 -1.85 -5.79
C LYS H 153 5.09 -2.18 -4.82
N ILE H 154 4.74 -2.50 -3.59
CA ILE H 154 5.73 -2.63 -2.52
C ILE H 154 5.41 -3.85 -1.67
N VAL H 155 6.43 -4.68 -1.44
CA VAL H 155 6.37 -5.72 -0.43
C VAL H 155 6.89 -5.12 0.87
N SER H 156 6.10 -5.23 1.94
CA SER H 156 6.49 -4.70 3.23
C SER H 156 6.04 -5.65 4.32
N TYR H 157 6.97 -6.01 5.21
CA TYR H 157 6.63 -6.91 6.30
C TYR H 157 7.52 -6.62 7.50
N GLN H 158 7.00 -6.96 8.67
CA GLN H 158 7.72 -6.77 9.92
C GLN H 158 8.65 -7.95 10.18
N VAL H 159 9.79 -7.67 10.82
CA VAL H 159 10.68 -8.68 11.35
C VAL H 159 10.79 -8.46 12.86
N ILE H 160 10.75 -9.55 13.63
CA ILE H 160 10.64 -9.45 15.07
C ILE H 160 11.81 -10.16 15.73
N GLY H 161 12.19 -9.67 16.91
CA GLY H 161 13.28 -10.22 17.67
C GLY H 161 14.63 -9.75 17.16
N GLU H 162 15.67 -10.07 17.94
CA GLU H 162 17.01 -9.76 17.49
C GLU H 162 17.44 -10.64 16.32
N ASP H 163 16.76 -11.75 16.08
CA ASP H 163 17.06 -12.62 14.94
C ASP H 163 16.26 -12.24 13.70
N ASN H 164 15.37 -11.25 13.79
CA ASN H 164 14.61 -10.75 12.64
C ASN H 164 13.81 -11.87 11.98
N VAL H 165 12.92 -12.47 12.76
CA VAL H 165 11.97 -13.46 12.22
C VAL H 165 10.93 -12.73 11.39
N ALA H 166 10.73 -13.17 10.15
CA ALA H 166 9.82 -12.51 9.23
C ALA H 166 8.37 -12.81 9.58
N VAL H 167 7.57 -11.75 9.68
CA VAL H 167 6.13 -11.88 9.95
C VAL H 167 5.41 -11.88 8.60
N PRO H 168 4.75 -12.98 8.21
CA PRO H 168 4.12 -13.03 6.89
C PRO H 168 2.91 -12.11 6.80
N SER H 169 2.64 -11.65 5.59
CA SER H 169 1.39 -10.91 5.34
C SER H 169 0.22 -11.87 5.15
N HIS H 170 0.49 -13.05 4.59
CA HIS H 170 -0.55 -14.03 4.35
C HIS H 170 -0.02 -15.41 4.70
N LEU H 171 -0.96 -16.34 4.85
CA LEU H 171 -0.66 -17.75 4.98
C LEU H 171 -1.38 -18.51 3.87
N TYR H 172 -0.76 -19.58 3.39
CA TYR H 172 -1.37 -20.40 2.36
C TYR H 172 -1.58 -21.82 2.88
N LYS H 173 -2.54 -22.51 2.26
CA LYS H 173 -2.73 -23.93 2.51
C LYS H 173 -3.20 -24.60 1.21
N VAL H 174 -2.56 -25.71 0.86
CA VAL H 174 -2.94 -26.51 -0.31
C VAL H 174 -3.39 -27.86 0.20
N ILE H 175 -4.62 -28.26 -0.15
CA ILE H 175 -5.24 -29.48 0.34
C ILE H 175 -5.39 -30.45 -0.83
N LEU H 176 -4.85 -31.67 -0.65
CA LEU H 176 -4.99 -32.75 -1.62
C LEU H 176 -5.64 -33.94 -0.92
N ALA H 177 -6.78 -34.39 -1.43
CA ALA H 177 -7.52 -35.48 -0.79
C ALA H 177 -7.77 -36.61 -1.77
N ARG H 178 -7.54 -37.85 -1.31
CA ARG H 178 -7.77 -39.04 -2.11
C ARG H 178 -8.86 -39.87 -1.44
N ARG H 179 -9.92 -40.18 -2.19
CA ARG H 179 -11.03 -40.93 -1.63
C ARG H 179 -10.57 -42.25 -1.02
N SER H 180 -9.97 -43.11 -1.84
CA SER H 180 -9.48 -44.40 -1.39
C SER H 180 -8.20 -44.75 -2.13
N SER H 181 -7.41 -45.66 -1.54
CA SER H 181 -6.19 -46.11 -2.17
C SER H 181 -6.44 -47.01 -3.37
N VAL H 182 -7.67 -47.48 -3.56
CA VAL H 182 -8.03 -48.33 -4.69
C VAL H 182 -9.13 -47.74 -5.55
N SER H 183 -9.73 -46.63 -5.13
CA SER H 183 -10.81 -46.01 -5.89
C SER H 183 -10.30 -45.41 -7.20
N THR H 184 -11.20 -45.27 -8.16
CA THR H 184 -10.92 -44.63 -9.44
C THR H 184 -11.37 -43.17 -9.48
N GLU H 185 -12.07 -42.70 -8.45
CA GLU H 185 -12.47 -41.30 -8.39
C GLU H 185 -11.25 -40.40 -8.46
N PRO H 186 -11.29 -39.31 -9.23
CA PRO H 186 -10.16 -38.38 -9.27
C PRO H 186 -9.88 -37.76 -7.92
N LEU H 187 -8.66 -37.25 -7.76
CA LEU H 187 -8.30 -36.55 -6.55
C LEU H 187 -9.02 -35.20 -6.48
N ALA H 188 -9.12 -34.68 -5.26
CA ALA H 188 -9.68 -33.36 -5.01
C ALA H 188 -8.58 -32.45 -4.50
N LEU H 189 -8.56 -31.21 -4.97
CA LEU H 189 -7.49 -30.28 -4.63
C LEU H 189 -8.05 -28.87 -4.46
N GLY H 190 -7.59 -28.19 -3.42
CA GLY H 190 -7.88 -26.79 -3.24
C GLY H 190 -6.66 -26.07 -2.72
N ALA H 191 -6.53 -24.81 -3.13
CA ALA H 191 -5.46 -23.94 -2.66
C ALA H 191 -6.09 -22.65 -2.13
N PHE H 192 -5.58 -22.17 -1.01
CA PHE H 192 -6.19 -21.04 -0.32
C PHE H 192 -5.12 -20.09 0.19
N VAL H 193 -5.44 -18.80 0.20
CA VAL H 193 -4.54 -17.75 0.68
C VAL H 193 -5.33 -16.88 1.64
N VAL H 194 -4.87 -16.81 2.89
CA VAL H 194 -5.60 -16.14 3.96
C VAL H 194 -4.70 -15.05 4.53
N PRO H 195 -5.19 -13.83 4.73
CA PRO H 195 -4.34 -12.79 5.33
C PRO H 195 -4.04 -13.05 6.80
N ASN H 196 -2.83 -12.68 7.21
CA ASN H 196 -2.34 -12.91 8.57
C ASN H 196 -2.86 -11.81 9.49
N GLU H 197 -4.17 -11.86 9.72
CA GLU H 197 -4.88 -10.88 10.54
C GLU H 197 -6.16 -11.50 11.05
N ALA H 198 -6.85 -10.78 11.95
CA ALA H 198 -8.10 -11.26 12.50
C ALA H 198 -9.16 -11.27 11.41
N ILE H 199 -9.80 -12.43 11.22
CA ILE H 199 -10.83 -12.62 10.22
C ILE H 199 -12.10 -13.08 10.96
N GLY H 200 -13.22 -12.47 10.62
CA GLY H 200 -14.47 -12.81 11.29
C GLY H 200 -15.02 -14.16 10.90
N PHE H 201 -16.28 -14.41 11.23
CA PHE H 201 -16.99 -15.58 10.73
C PHE H 201 -17.73 -15.29 9.43
N GLN H 202 -17.79 -14.03 9.01
CA GLN H 202 -18.58 -13.65 7.84
C GLN H 202 -17.99 -14.20 6.54
N PRO H 203 -16.69 -14.10 6.28
CA PRO H 203 -16.17 -14.63 5.01
C PRO H 203 -16.16 -16.14 4.97
N GLN H 204 -16.56 -16.69 3.83
CA GLN H 204 -16.49 -18.12 3.57
C GLN H 204 -15.11 -18.48 3.05
N LEU H 205 -14.75 -19.77 3.19
CA LEU H 205 -13.42 -20.22 2.82
C LEU H 205 -13.15 -20.01 1.33
N THR H 206 -14.16 -20.20 0.49
CA THR H 206 -13.98 -20.03 -0.96
C THR H 206 -13.63 -18.60 -1.34
N GLU H 207 -13.91 -17.63 -0.47
CA GLU H 207 -13.51 -16.26 -0.73
C GLU H 207 -12.00 -16.09 -0.75
N PHE H 208 -11.27 -17.03 -0.13
CA PHE H 208 -9.81 -17.02 -0.07
C PHE H 208 -9.19 -18.03 -1.02
N GLN H 209 -10.00 -18.66 -1.86
CA GLN H 209 -9.48 -19.71 -2.74
C GLN H 209 -8.81 -19.09 -3.96
N VAL H 210 -7.68 -19.67 -4.34
CA VAL H 210 -6.95 -19.27 -5.53
C VAL H 210 -6.67 -20.52 -6.33
N SER H 211 -6.39 -20.34 -7.62
CA SER H 211 -5.97 -21.48 -8.41
C SER H 211 -4.59 -21.94 -7.97
N LEU H 212 -4.31 -23.23 -8.18
CA LEU H 212 -3.02 -23.76 -7.75
C LEU H 212 -1.87 -23.07 -8.48
N GLN H 213 -2.08 -22.69 -9.74
CA GLN H 213 -1.04 -22.01 -10.49
C GLN H 213 -0.83 -20.58 -10.02
N ASP H 214 -1.88 -19.90 -9.58
CA ASP H 214 -1.71 -18.55 -9.05
C ASP H 214 -0.89 -18.55 -7.77
N LEU H 215 -1.12 -19.52 -6.88
CA LEU H 215 -0.33 -19.60 -5.66
C LEU H 215 1.12 -19.97 -5.98
N GLU H 216 1.31 -20.90 -6.92
CA GLU H 216 2.67 -21.26 -7.31
C GLU H 216 3.43 -20.07 -7.85
N LYS H 217 2.75 -19.22 -8.62
CA LYS H 217 3.40 -18.01 -9.13
C LYS H 217 3.69 -17.01 -8.01
N LEU H 218 2.81 -16.91 -7.01
CA LEU H 218 3.05 -15.99 -5.92
C LEU H 218 4.11 -16.53 -4.95
N SER H 219 4.11 -17.83 -4.70
CA SER H 219 4.99 -18.42 -3.71
C SER H 219 6.36 -18.83 -4.26
N GLY H 220 6.50 -18.96 -5.58
CA GLY H 220 7.76 -19.43 -6.13
C GLY H 220 8.01 -20.90 -5.88
N LEU H 221 6.97 -21.65 -5.52
CA LEU H 221 7.06 -23.09 -5.28
C LEU H 221 6.20 -23.83 -6.29
N VAL H 222 6.53 -25.10 -6.51
CA VAL H 222 5.66 -26.01 -7.23
C VAL H 222 5.30 -27.15 -6.27
N PHE H 223 4.02 -27.23 -5.94
CA PHE H 223 3.52 -28.20 -4.97
C PHE H 223 3.17 -29.51 -5.67
N PHE H 224 3.37 -30.63 -4.94
CA PHE H 224 3.03 -31.96 -5.40
C PHE H 224 3.50 -32.19 -6.83
N PRO H 225 4.81 -32.21 -7.10
CA PRO H 225 5.26 -32.34 -8.49
C PRO H 225 5.05 -33.72 -9.09
N HIS H 226 4.73 -34.74 -8.28
CA HIS H 226 4.41 -36.06 -8.81
C HIS H 226 2.91 -36.26 -9.01
N LEU H 227 2.10 -35.29 -8.62
CA LEU H 227 0.68 -35.32 -8.91
C LEU H 227 0.44 -35.13 -10.41
N ASP H 228 -0.36 -36.02 -10.98
CA ASP H 228 -0.66 -36.00 -12.42
C ASP H 228 -1.70 -34.92 -12.67
N ARG H 229 -1.24 -33.71 -13.01
CA ARG H 229 -2.16 -32.61 -13.26
C ARG H 229 -2.89 -32.77 -14.59
N THR H 230 -2.36 -33.58 -15.51
CA THR H 230 -2.99 -33.75 -16.81
C THR H 230 -4.20 -34.66 -16.77
N SER H 231 -4.37 -35.41 -15.68
CA SER H 231 -5.59 -36.17 -15.47
C SER H 231 -6.65 -35.28 -14.83
N ASP H 232 -7.88 -35.78 -14.78
CA ASP H 232 -8.98 -35.04 -14.17
C ASP H 232 -8.70 -34.83 -12.69
N ILE H 233 -8.76 -33.58 -12.24
CA ILE H 233 -8.60 -33.22 -10.84
C ILE H 233 -9.72 -32.27 -10.47
N ARG H 234 -10.45 -32.58 -9.41
CA ARG H 234 -11.63 -31.80 -9.06
C ARG H 234 -11.30 -30.73 -8.03
N ASN H 235 -12.05 -29.64 -8.09
CA ASN H 235 -12.01 -28.61 -7.07
C ASN H 235 -12.59 -29.16 -5.76
N ILE H 236 -11.82 -29.02 -4.67
CA ILE H 236 -12.27 -29.52 -3.38
C ILE H 236 -13.56 -28.85 -2.94
N CYS H 237 -13.83 -27.63 -3.41
CA CYS H 237 -15.03 -26.91 -3.03
C CYS H 237 -16.23 -27.23 -3.93
N SER H 238 -16.05 -28.09 -4.94
CA SER H 238 -17.16 -28.63 -5.70
C SER H 238 -17.52 -30.03 -5.28
N VAL H 239 -16.54 -30.91 -5.09
CA VAL H 239 -16.81 -32.26 -4.63
C VAL H 239 -17.13 -32.27 -3.13
N ASP H 240 -16.61 -31.30 -2.38
CA ASP H 240 -16.84 -31.27 -0.95
C ASP H 240 -17.44 -29.91 -0.57
N THR H 241 -17.41 -29.57 0.71
CA THR H 241 -18.18 -28.43 1.19
C THR H 241 -17.38 -27.13 1.21
N CYS H 242 -16.12 -27.20 1.65
CA CYS H 242 -15.32 -26.00 1.93
C CYS H 242 -16.06 -25.05 2.87
N LYS H 243 -16.82 -25.61 3.81
CA LYS H 243 -17.57 -24.83 4.78
C LYS H 243 -16.93 -25.01 6.15
N LEU H 244 -16.49 -23.90 6.75
CA LEU H 244 -15.97 -23.97 8.09
C LEU H 244 -17.10 -23.94 9.12
N LEU H 245 -16.76 -24.32 10.35
CA LEU H 245 -17.73 -24.26 11.43
C LEU H 245 -18.18 -22.82 11.66
N ASP H 246 -19.49 -22.65 11.83
CA ASP H 246 -20.07 -21.34 12.06
C ASP H 246 -19.79 -20.89 13.49
N PHE H 247 -20.19 -19.66 13.79
CA PHE H 247 -19.97 -19.11 15.13
C PHE H 247 -20.62 -19.97 16.20
N GLN H 248 -21.85 -20.47 15.95
CA GLN H 248 -22.55 -21.25 16.96
C GLN H 248 -21.85 -22.59 17.22
N GLU H 249 -21.50 -23.30 16.15
CA GLU H 249 -20.83 -24.59 16.31
C GLU H 249 -19.44 -24.42 16.90
N PHE H 250 -18.67 -23.45 16.38
CA PHE H 250 -17.32 -23.23 16.88
C PHE H 250 -17.31 -22.90 18.36
N THR H 251 -18.14 -21.93 18.77
CA THR H 251 -18.23 -21.56 20.18
C THR H 251 -18.63 -22.74 21.06
N LEU H 252 -19.56 -23.57 20.58
CA LEU H 252 -19.93 -24.77 21.33
C LEU H 252 -18.73 -25.70 21.51
N TYR H 253 -18.00 -25.96 20.41
CA TYR H 253 -16.82 -26.82 20.49
C TYR H 253 -15.84 -26.31 21.54
N LEU H 254 -15.55 -25.00 21.51
CA LEU H 254 -14.58 -24.44 22.46
C LEU H 254 -15.13 -24.47 23.89
N SER H 255 -16.38 -24.03 24.06
CA SER H 255 -16.97 -23.97 25.39
C SER H 255 -17.08 -25.36 26.01
N THR H 256 -17.40 -26.37 25.20
CA THR H 256 -17.45 -27.73 25.71
C THR H 256 -16.05 -28.23 26.10
N ARG H 257 -15.04 -27.89 25.30
CA ARG H 257 -13.67 -28.28 25.63
C ARG H 257 -13.18 -27.59 26.91
N LYS H 258 -13.51 -26.31 27.07
CA LYS H 258 -13.01 -25.51 28.19
C LYS H 258 -13.54 -25.97 29.53
N ILE H 259 -14.41 -26.97 29.53
CA ILE H 259 -15.09 -27.40 30.74
C ILE H 259 -14.10 -27.93 31.78
N GLU H 260 -12.92 -28.35 31.37
CA GLU H 260 -11.98 -29.00 32.28
C GLU H 260 -11.17 -28.03 33.13
N GLY H 261 -11.53 -26.75 33.17
CA GLY H 261 -10.84 -25.81 34.05
C GLY H 261 -11.12 -26.13 35.51
N ALA H 262 -10.07 -26.02 36.33
CA ALA H 262 -10.11 -26.56 37.68
C ALA H 262 -10.91 -25.68 38.64
N ARG H 263 -10.71 -24.38 38.61
CA ARG H 263 -11.44 -23.51 39.53
C ARG H 263 -12.91 -23.43 39.11
N SER H 264 -13.71 -22.75 39.93
CA SER H 264 -15.12 -22.56 39.60
C SER H 264 -15.31 -21.26 38.80
N VAL H 265 -14.54 -21.17 37.72
CA VAL H 265 -14.85 -20.26 36.63
C VAL H 265 -15.74 -21.02 35.66
N LEU H 266 -16.34 -22.11 36.15
CA LEU H 266 -17.10 -23.03 35.29
C LEU H 266 -18.33 -22.37 34.71
N ARG H 267 -19.06 -21.59 35.51
CA ARG H 267 -20.25 -20.89 35.03
C ARG H 267 -19.95 -19.48 34.56
N LEU H 268 -18.73 -18.99 34.76
CA LEU H 268 -18.29 -17.83 34.00
C LEU H 268 -18.10 -18.22 32.53
N GLU H 269 -17.67 -19.45 32.28
CA GLU H 269 -17.69 -19.99 30.93
C GLU H 269 -19.11 -20.06 30.39
N LYS H 270 -20.07 -20.46 31.23
CA LYS H 270 -21.44 -20.59 30.76
C LYS H 270 -22.10 -19.23 30.54
N ILE H 271 -21.77 -18.24 31.36
CA ILE H 271 -22.33 -16.91 31.12
C ILE H 271 -21.73 -16.31 29.87
N MET H 272 -20.44 -16.56 29.61
CA MET H 272 -19.88 -16.24 28.29
C MET H 272 -20.62 -17.01 27.20
N GLU H 273 -20.86 -18.30 27.44
CA GLU H 273 -21.55 -19.13 26.45
C GLU H 273 -22.96 -18.64 26.19
N ASN H 274 -23.76 -18.49 27.25
CA ASN H 274 -25.16 -18.16 27.05
C ASN H 274 -25.44 -16.66 27.06
N LEU H 275 -24.42 -15.82 27.23
CA LEU H 275 -24.54 -14.46 26.71
C LEU H 275 -24.83 -14.49 25.22
N LYS H 276 -24.11 -15.34 24.49
CA LYS H 276 -24.37 -15.54 23.08
C LYS H 276 -25.58 -16.45 22.87
N ASN H 277 -26.13 -16.41 21.66
CA ASN H 277 -27.42 -17.04 21.38
C ASN H 277 -27.39 -18.56 21.56
N ALA H 278 -26.21 -19.17 21.57
CA ALA H 278 -26.09 -20.62 21.54
C ALA H 278 -26.84 -21.30 22.68
N GLU H 279 -27.93 -21.99 22.34
CA GLU H 279 -28.50 -22.95 23.28
C GLU H 279 -27.49 -24.07 23.49
N ILE H 280 -27.20 -24.38 24.73
CA ILE H 280 -26.13 -25.33 25.01
C ILE H 280 -26.68 -26.75 24.89
N GLU H 281 -25.88 -27.61 24.28
CA GLU H 281 -26.26 -28.99 24.02
C GLU H 281 -26.31 -29.77 25.33
N PRO H 282 -26.88 -30.98 25.32
CA PRO H 282 -26.62 -31.91 26.43
C PRO H 282 -25.15 -31.97 26.77
N ASP H 283 -24.82 -31.51 27.96
CA ASP H 283 -23.45 -31.41 28.41
C ASP H 283 -23.20 -32.48 29.48
N ASP H 284 -23.24 -33.74 29.03
CA ASP H 284 -22.95 -34.85 29.94
C ASP H 284 -21.50 -34.80 30.41
N TYR H 285 -20.61 -34.23 29.61
CA TYR H 285 -19.26 -33.93 30.09
C TYR H 285 -19.29 -32.85 31.16
N PHE H 286 -20.23 -31.91 31.07
CA PHE H 286 -20.29 -30.82 32.04
C PHE H 286 -20.79 -31.31 33.39
N MET H 287 -21.81 -32.17 33.39
CA MET H 287 -22.44 -32.53 34.66
C MET H 287 -21.49 -33.34 35.54
N SER H 288 -20.76 -34.29 34.94
CA SER H 288 -19.66 -34.93 35.65
C SER H 288 -18.61 -33.91 36.06
N ARG H 289 -18.38 -32.90 35.23
CA ARG H 289 -17.43 -31.85 35.58
C ARG H 289 -17.92 -31.01 36.74
N TYR H 290 -19.17 -30.53 36.67
CA TYR H 290 -19.64 -29.60 37.70
C TYR H 290 -19.62 -30.23 39.08
N GLU H 291 -20.03 -31.50 39.18
CA GLU H 291 -19.97 -32.19 40.46
C GLU H 291 -18.53 -32.30 40.94
N LYS H 292 -17.58 -32.51 40.02
CA LYS H 292 -16.18 -32.55 40.40
C LYS H 292 -15.70 -31.22 40.95
N LYS H 293 -16.21 -30.11 40.41
CA LYS H 293 -15.69 -28.81 40.79
C LYS H 293 -16.32 -28.28 42.06
N LEU H 294 -17.57 -28.69 42.36
CA LEU H 294 -18.11 -28.42 43.69
C LEU H 294 -17.21 -28.99 44.76
N GLU H 295 -16.64 -30.17 44.50
CA GLU H 295 -15.55 -30.74 45.31
C GLU H 295 -15.87 -30.77 46.80
MG MG M . 11.81 34.76 -8.84
S SO4 N . -20.57 25.01 5.56
O1 SO4 N . -21.96 25.29 5.90
O2 SO4 N . -19.79 26.18 5.95
O3 SO4 N . -20.08 23.79 6.26
O4 SO4 N . -20.43 24.82 4.10
MG MG O . 6.15 15.78 11.03
MG MG P . -30.03 9.62 -14.35
S SO4 Q . 16.81 -11.66 0.40
O1 SO4 Q . 16.13 -10.89 -0.66
O2 SO4 Q . 17.45 -10.71 1.35
O3 SO4 Q . 17.82 -12.59 -0.17
O4 SO4 Q . 15.85 -12.47 1.15
MG MG R . -2.14 -21.34 15.52
MG MG S . 21.19 -25.74 1.62
S SO4 T . 7.87 -15.19 0.81
O1 SO4 T . 6.92 -14.17 0.33
O2 SO4 T . 7.74 -15.39 2.28
O3 SO4 T . 7.67 -16.47 0.13
O4 SO4 T . 9.22 -14.71 0.54
MG MG U . 25.86 -3.40 -14.00
#